data_5X7N
#
_entry.id   5X7N
#
_cell.length_a   114.543
_cell.length_b   91.702
_cell.length_c   95.161
_cell.angle_alpha   90.000
_cell.angle_beta   90.000
_cell.angle_gamma   90.000
#
_symmetry.space_group_name_H-M   'P 21 21 2'
#
loop_
_entity.id
_entity.type
_entity.pdbx_description
1 polymer 'Diaminopimelate decarboxylase'
2 non-polymer GLYCEROL
3 non-polymer "PYRIDOXAL-5'-PHOSPHATE"
4 non-polymer LYSINE
5 water water
#
_entity_poly.entity_id   1
_entity_poly.type   'polypeptide(L)'
_entity_poly.pdbx_seq_one_letter_code
;MATVENFNELPAHVWPRNAVRQEDGVVTVAGVPLPDLAEEYGTPLFVVDEDDFRSRCRDMATAFGGPGNVHYASKAFLTK
TIARWVDEEGLALDIASINELGIALAAGFPASRITAHGNNKGVEFLRALVQNGVGHVVLDSAQELELLDYVAAGEGKIQD
VLIRVKPGIEAHTHEFIATSHEDQKFGFSLASGSAFEAAKAANNAENLNLVGLHCHVGSQVFDAEGFKLAAERVLGLYSQ
IHSELGVALPELDLGGGYGIAYTAAEEPLNVAEVASDLLTAVGKMAAELGIDAPTVLVEPGRAIAGPSTVTIYEVGTTKD
VHVDDDKTRRYIAVDGGMSDNIRPALYGSEYDARVVSRFAEGDPVSTRIVGSHCESGDILINDEIYPSDITSGDFLALAA
TGAYCYAMSSRYNAFTRPAVVSVRAGSSRLMLRRETLDDILSLEALEHHHHHH
;
_entity_poly.pdbx_strand_id   A,B
#
# COMPACT_ATOMS: atom_id res chain seq x y z
N THR A 3 24.70 -11.08 -18.52
CA THR A 3 25.72 -10.29 -19.27
C THR A 3 25.31 -8.83 -19.47
N VAL A 4 26.32 -8.01 -19.71
CA VAL A 4 26.10 -6.62 -20.08
C VAL A 4 25.25 -6.56 -21.34
N GLU A 5 25.50 -7.43 -22.30
CA GLU A 5 24.69 -7.48 -23.53
C GLU A 5 23.21 -7.75 -23.28
N ASN A 6 22.94 -8.76 -22.44
CA ASN A 6 21.56 -9.11 -22.04
C ASN A 6 20.88 -7.86 -21.38
N PHE A 7 21.57 -7.14 -20.49
CA PHE A 7 20.93 -5.98 -19.83
C PHE A 7 20.59 -4.89 -20.83
N ASN A 8 21.39 -4.75 -21.86
CA ASN A 8 21.18 -3.72 -22.88
C ASN A 8 20.13 -4.07 -23.97
N GLU A 9 19.54 -5.27 -23.88
CA GLU A 9 18.40 -5.68 -24.69
C GLU A 9 17.17 -4.92 -24.18
N LEU A 10 16.08 -5.11 -24.89
CA LEU A 10 14.74 -4.59 -24.50
C LEU A 10 13.73 -5.61 -24.92
N PRO A 11 13.30 -6.45 -23.96
CA PRO A 11 12.45 -7.61 -24.33
C PRO A 11 11.10 -7.17 -24.83
N ALA A 12 10.87 -7.41 -26.14
CA ALA A 12 9.78 -6.77 -26.83
C ALA A 12 8.41 -7.31 -26.35
N HIS A 13 8.40 -8.50 -25.84
CA HIS A 13 7.19 -9.16 -25.35
C HIS A 13 6.84 -8.67 -23.93
N VAL A 14 7.75 -7.98 -23.31
CA VAL A 14 7.50 -7.35 -21.95
C VAL A 14 7.19 -5.87 -22.08
N TRP A 15 8.06 -5.16 -22.83
CA TRP A 15 7.97 -3.72 -22.94
C TRP A 15 6.81 -3.28 -23.84
N PRO A 16 6.39 -2.00 -23.74
CA PRO A 16 5.25 -1.57 -24.49
C PRO A 16 5.49 -1.84 -26.00
N ARG A 17 4.42 -2.07 -26.69
CA ARG A 17 4.53 -2.40 -28.14
C ARG A 17 5.27 -1.41 -28.99
N ASN A 18 5.22 -0.12 -28.70
CA ASN A 18 5.88 0.93 -29.43
C ASN A 18 7.12 1.46 -28.73
N ALA A 19 7.77 0.57 -27.98
CA ALA A 19 9.05 0.90 -27.39
C ALA A 19 10.18 0.38 -28.25
N VAL A 20 11.20 1.19 -28.39
CA VAL A 20 12.43 0.80 -29.13
C VAL A 20 13.72 1.26 -28.50
N ARG A 21 14.74 0.40 -28.51
CA ARG A 21 16.09 0.72 -28.10
C ARG A 21 16.79 1.33 -29.30
N GLN A 22 17.17 2.59 -29.14
CA GLN A 22 17.85 3.33 -30.17
C GLN A 22 19.32 2.95 -30.17
N GLU A 23 20.01 3.34 -31.23
CA GLU A 23 21.42 2.96 -31.34
C GLU A 23 22.39 3.59 -30.31
N ASP A 24 22.00 4.70 -29.70
CA ASP A 24 22.81 5.25 -28.60
C ASP A 24 22.41 4.76 -27.20
N GLY A 25 21.53 3.75 -27.13
CA GLY A 25 21.08 3.20 -25.84
C GLY A 25 19.78 3.80 -25.27
N VAL A 26 19.35 4.93 -25.80
CA VAL A 26 18.09 5.55 -25.38
C VAL A 26 16.90 4.70 -25.80
N VAL A 27 15.92 4.58 -24.90
CA VAL A 27 14.66 3.96 -25.18
C VAL A 27 13.62 5.03 -25.52
N THR A 28 12.99 4.88 -26.73
CA THR A 28 11.80 5.65 -27.05
C THR A 28 10.54 4.86 -26.91
N VAL A 29 9.43 5.53 -26.57
CA VAL A 29 8.10 4.96 -26.64
C VAL A 29 7.24 5.86 -27.54
N ALA A 30 6.62 5.25 -28.55
CA ALA A 30 5.93 6.02 -29.58
C ALA A 30 6.74 7.15 -30.09
N GLY A 31 7.99 6.82 -30.34
CA GLY A 31 8.95 7.78 -30.83
C GLY A 31 9.49 8.84 -29.93
N VAL A 32 8.98 8.92 -28.68
CA VAL A 32 9.42 9.92 -27.72
C VAL A 32 10.49 9.38 -26.82
N PRO A 33 11.66 10.02 -26.73
CA PRO A 33 12.70 9.49 -25.84
C PRO A 33 12.31 9.55 -24.36
N LEU A 34 12.46 8.41 -23.66
CA LEU A 34 12.07 8.43 -22.22
C LEU A 34 12.84 9.42 -21.36
N PRO A 35 14.15 9.67 -21.63
CA PRO A 35 14.85 10.65 -20.85
C PRO A 35 14.24 12.04 -21.03
N ASP A 36 13.73 12.37 -22.22
CA ASP A 36 13.17 13.67 -22.44
C ASP A 36 11.89 13.84 -21.65
N LEU A 37 11.12 12.74 -21.51
CA LEU A 37 9.95 12.83 -20.64
C LEU A 37 10.35 13.01 -19.20
N ALA A 38 11.38 12.26 -18.77
CA ALA A 38 11.80 12.40 -17.39
C ALA A 38 12.24 13.87 -17.10
N GLU A 39 12.91 14.48 -18.05
CA GLU A 39 13.35 15.89 -17.88
C GLU A 39 12.22 16.89 -17.88
N GLU A 40 11.18 16.65 -18.66
CA GLU A 40 10.05 17.53 -18.83
C GLU A 40 9.14 17.43 -17.65
N TYR A 41 8.80 16.19 -17.24
CA TYR A 41 7.75 16.02 -16.29
C TYR A 41 8.28 15.60 -14.90
N GLY A 42 9.57 15.30 -14.76
CA GLY A 42 10.10 14.82 -13.49
C GLY A 42 9.93 13.33 -13.31
N THR A 43 10.53 12.85 -12.26
CA THR A 43 10.50 11.43 -11.88
C THR A 43 10.06 11.31 -10.44
N PRO A 44 9.53 10.15 -10.04
CA PRO A 44 9.09 9.08 -10.90
C PRO A 44 8.03 9.52 -11.88
N LEU A 45 7.92 8.77 -12.97
CA LEU A 45 6.95 9.11 -14.03
C LEU A 45 6.32 7.86 -14.62
N PHE A 46 5.03 7.76 -14.66
CA PHE A 46 4.38 6.68 -15.43
C PHE A 46 4.21 7.19 -16.86
N VAL A 47 4.61 6.37 -17.82
CA VAL A 47 4.49 6.70 -19.28
C VAL A 47 3.62 5.63 -19.89
N VAL A 48 2.52 6.07 -20.49
CA VAL A 48 1.49 5.17 -21.05
C VAL A 48 1.53 5.21 -22.59
N ASP A 49 1.90 4.10 -23.20
CA ASP A 49 1.83 3.88 -24.68
C ASP A 49 0.38 3.70 -25.06
N GLU A 50 -0.23 4.79 -25.53
CA GLU A 50 -1.65 4.81 -25.82
C GLU A 50 -2.02 3.74 -26.83
N ASP A 51 -1.23 3.66 -27.91
CA ASP A 51 -1.53 2.68 -28.94
C ASP A 51 -1.37 1.24 -28.43
N ASP A 52 -0.40 1.00 -27.52
CA ASP A 52 -0.31 -0.29 -26.88
C ASP A 52 -1.64 -0.64 -26.26
N PHE A 53 -2.09 0.23 -25.35
CA PHE A 53 -3.40 0.01 -24.71
C PHE A 53 -4.54 -0.29 -25.70
N ARG A 54 -4.69 0.57 -26.71
CA ARG A 54 -5.76 0.36 -27.66
C ARG A 54 -5.57 -0.97 -28.41
N SER A 55 -4.33 -1.32 -28.74
CA SER A 55 -4.08 -2.60 -29.47
C SER A 55 -4.45 -3.85 -28.66
N ARG A 56 -4.33 -3.71 -27.33
CA ARG A 56 -4.82 -4.79 -26.46
C ARG A 56 -6.30 -4.89 -26.46
N CYS A 57 -6.99 -3.76 -26.41
CA CYS A 57 -8.48 -3.71 -26.53
C CYS A 57 -8.94 -4.48 -27.81
N ARG A 58 -8.24 -4.13 -28.88
CA ARG A 58 -8.52 -4.74 -30.19
C ARG A 58 -8.24 -6.24 -30.25
N ASP A 59 -7.08 -6.64 -29.70
CA ASP A 59 -6.74 -8.05 -29.64
C ASP A 59 -7.91 -8.80 -28.93
N MET A 60 -8.33 -8.25 -27.77
CA MET A 60 -9.35 -8.89 -26.99
C MET A 60 -10.70 -8.92 -27.73
N ALA A 61 -11.05 -7.79 -28.31
CA ALA A 61 -12.32 -7.64 -29.04
C ALA A 61 -12.37 -8.68 -30.23
N THR A 62 -11.30 -8.85 -30.96
CA THR A 62 -11.26 -9.79 -32.06
C THR A 62 -11.37 -11.18 -31.51
N ALA A 63 -10.65 -11.48 -30.44
CA ALA A 63 -10.67 -12.85 -29.92
C ALA A 63 -11.99 -13.28 -29.33
N PHE A 64 -12.72 -12.34 -28.70
CA PHE A 64 -13.93 -12.70 -28.01
C PHE A 64 -15.24 -12.30 -28.77
N GLY A 65 -15.11 -12.09 -30.09
CA GLY A 65 -16.28 -11.93 -30.97
C GLY A 65 -16.91 -10.56 -30.90
N GLY A 66 -16.15 -9.52 -30.54
CA GLY A 66 -16.63 -8.17 -30.56
C GLY A 66 -16.27 -7.36 -29.38
N PRO A 67 -16.00 -6.08 -29.57
CA PRO A 67 -15.63 -5.25 -28.40
C PRO A 67 -16.60 -5.17 -27.27
N GLY A 68 -17.91 -5.31 -27.53
CA GLY A 68 -18.87 -5.24 -26.50
C GLY A 68 -18.87 -6.42 -25.55
N ASN A 69 -18.22 -7.51 -25.94
CA ASN A 69 -18.07 -8.68 -25.05
C ASN A 69 -16.88 -8.56 -24.05
N VAL A 70 -16.07 -7.55 -24.25
CA VAL A 70 -14.84 -7.32 -23.47
C VAL A 70 -15.06 -6.18 -22.52
N HIS A 71 -14.95 -6.45 -21.23
CA HIS A 71 -15.05 -5.40 -20.21
C HIS A 71 -13.67 -5.08 -19.70
N TYR A 72 -13.30 -3.81 -19.73
CA TYR A 72 -12.07 -3.36 -19.09
C TYR A 72 -12.29 -3.26 -17.58
N ALA A 73 -11.43 -3.96 -16.81
CA ALA A 73 -11.57 -3.99 -15.38
C ALA A 73 -10.87 -2.70 -14.81
N SER A 74 -11.64 -1.69 -14.46
CA SER A 74 -11.16 -0.36 -14.11
C SER A 74 -10.21 -0.43 -12.90
N LYS A 75 -10.35 -1.45 -12.09
CA LYS A 75 -9.49 -1.60 -10.89
C LYS A 75 -8.03 -1.59 -11.19
N ALA A 76 -7.71 -2.00 -12.41
CA ALA A 76 -6.30 -1.97 -12.81
C ALA A 76 -5.71 -0.55 -12.86
N PHE A 77 -6.50 0.42 -13.34
CA PHE A 77 -6.10 1.79 -13.57
C PHE A 77 -7.29 2.48 -14.25
N LEU A 78 -7.83 3.51 -13.61
CA LEU A 78 -8.91 4.29 -14.25
C LEU A 78 -8.64 5.78 -14.11
N THR A 79 -8.79 6.50 -15.23
CA THR A 79 -8.85 7.95 -15.27
C THR A 79 -9.91 8.30 -16.30
N LYS A 80 -10.29 9.57 -16.39
CA LYS A 80 -11.19 9.99 -17.51
C LYS A 80 -10.64 9.66 -18.87
N THR A 81 -9.32 9.81 -19.02
CA THR A 81 -8.66 9.47 -20.30
C THR A 81 -8.78 8.01 -20.65
N ILE A 82 -8.52 7.17 -19.68
CA ILE A 82 -8.65 5.74 -19.86
C ILE A 82 -10.08 5.34 -20.22
N ALA A 83 -11.05 5.88 -19.52
CA ALA A 83 -12.42 5.62 -19.81
C ALA A 83 -12.75 6.04 -21.26
N ARG A 84 -12.29 7.19 -21.69
CA ARG A 84 -12.56 7.60 -23.06
C ARG A 84 -12.00 6.65 -24.05
N TRP A 85 -10.75 6.25 -23.82
CA TRP A 85 -10.10 5.22 -24.72
C TRP A 85 -10.90 3.95 -24.81
N VAL A 86 -11.38 3.42 -23.68
CA VAL A 86 -12.23 2.27 -23.62
C VAL A 86 -13.53 2.52 -24.43
N ASP A 87 -14.11 3.66 -24.20
CA ASP A 87 -15.41 4.04 -24.85
C ASP A 87 -15.19 4.01 -26.37
N GLU A 88 -14.15 4.68 -26.82
CA GLU A 88 -13.81 4.74 -28.28
C GLU A 88 -13.52 3.39 -28.93
N GLU A 89 -12.90 2.49 -28.15
CA GLU A 89 -12.60 1.18 -28.60
C GLU A 89 -13.82 0.25 -28.59
N GLY A 90 -14.96 0.69 -28.08
CA GLY A 90 -16.18 -0.11 -28.05
C GLY A 90 -16.36 -1.11 -26.95
N LEU A 91 -15.40 -1.08 -26.03
CA LEU A 91 -15.41 -1.98 -24.91
C LEU A 91 -16.43 -1.57 -23.85
N ALA A 92 -16.82 -2.55 -23.08
CA ALA A 92 -17.58 -2.31 -21.84
C ALA A 92 -16.58 -1.90 -20.75
N LEU A 93 -17.12 -1.36 -19.64
CA LEU A 93 -16.31 -0.94 -18.53
C LEU A 93 -16.86 -1.56 -17.24
N ASP A 94 -15.97 -2.19 -16.48
CA ASP A 94 -16.37 -2.72 -15.17
C ASP A 94 -15.85 -1.78 -14.13
N ILE A 95 -16.74 -1.42 -13.21
CA ILE A 95 -16.40 -0.59 -12.07
C ILE A 95 -16.73 -1.30 -10.81
N ALA A 96 -16.07 -0.89 -9.73
CA ALA A 96 -16.30 -1.58 -8.49
C ALA A 96 -16.45 -0.66 -7.31
N SER A 97 -16.75 0.61 -7.55
CA SER A 97 -17.01 1.53 -6.43
C SER A 97 -17.76 2.71 -6.95
N ILE A 98 -18.28 3.52 -6.05
CA ILE A 98 -19.01 4.70 -6.48
C ILE A 98 -18.12 5.73 -7.11
N ASN A 99 -16.87 5.74 -6.71
CA ASN A 99 -15.94 6.65 -7.33
C ASN A 99 -15.41 6.20 -8.66
N GLU A 100 -15.19 4.89 -8.89
CA GLU A 100 -14.87 4.45 -10.23
C GLU A 100 -16.06 4.80 -11.21
N LEU A 101 -17.29 4.54 -10.76
CA LEU A 101 -18.51 4.98 -11.52
C LEU A 101 -18.42 6.50 -11.76
N GLY A 102 -18.05 7.29 -10.73
CA GLY A 102 -17.90 8.74 -10.89
C GLY A 102 -16.95 9.21 -11.98
N ILE A 103 -15.78 8.56 -12.00
CA ILE A 103 -14.78 8.87 -12.98
C ILE A 103 -15.33 8.50 -14.33
N ALA A 104 -15.97 7.33 -14.42
CA ALA A 104 -16.47 6.90 -15.73
C ALA A 104 -17.55 7.90 -16.22
N LEU A 105 -18.41 8.33 -15.29
CA LEU A 105 -19.50 9.30 -15.70
C LEU A 105 -19.00 10.67 -16.00
N ALA A 106 -17.97 11.12 -15.28
CA ALA A 106 -17.27 12.35 -15.58
C ALA A 106 -16.68 12.44 -17.03
N ALA A 107 -16.26 11.28 -17.56
CA ALA A 107 -15.71 11.12 -18.89
C ALA A 107 -16.77 10.94 -19.92
N GLY A 108 -18.04 10.89 -19.53
CA GLY A 108 -19.13 10.65 -20.48
C GLY A 108 -19.21 9.22 -21.00
N PHE A 109 -18.65 8.27 -20.24
CA PHE A 109 -18.75 6.86 -20.61
C PHE A 109 -20.23 6.45 -20.49
N PRO A 110 -20.79 5.84 -21.54
CA PRO A 110 -22.22 5.51 -21.43
C PRO A 110 -22.59 4.46 -20.39
N ALA A 111 -23.50 4.80 -19.51
CA ALA A 111 -23.80 3.89 -18.40
C ALA A 111 -24.32 2.52 -18.84
N SER A 112 -25.01 2.45 -19.99
CA SER A 112 -25.53 1.20 -20.44
C SER A 112 -24.40 0.18 -20.67
N ARG A 113 -23.20 0.67 -20.89
CA ARG A 113 -22.00 -0.16 -21.14
C ARG A 113 -21.15 -0.41 -19.85
N ILE A 114 -21.65 0.04 -18.70
CA ILE A 114 -20.96 -0.15 -17.42
C ILE A 114 -21.56 -1.38 -16.72
N THR A 115 -20.66 -2.19 -16.14
CA THR A 115 -21.07 -3.24 -15.23
C THR A 115 -20.44 -2.94 -13.84
N ALA A 116 -21.28 -3.11 -12.84
CA ALA A 116 -20.91 -2.79 -11.45
C ALA A 116 -20.62 -4.02 -10.58
N HIS A 117 -19.44 -4.04 -9.97
CA HIS A 117 -19.06 -5.14 -9.05
C HIS A 117 -18.88 -4.60 -7.65
N GLY A 118 -18.84 -5.50 -6.68
CA GLY A 118 -18.47 -5.09 -5.32
C GLY A 118 -19.10 -6.02 -4.33
N ASN A 119 -18.33 -6.41 -3.32
CA ASN A 119 -18.74 -7.33 -2.31
C ASN A 119 -19.58 -6.65 -1.21
N ASN A 120 -19.55 -5.33 -1.16
CA ASN A 120 -20.26 -4.62 -0.07
C ASN A 120 -20.83 -3.32 -0.58
N LYS A 121 -21.67 -3.41 -1.61
CA LYS A 121 -22.28 -2.22 -2.19
C LYS A 121 -23.34 -1.72 -1.19
N GLY A 122 -23.18 -0.48 -0.85
CA GLY A 122 -24.20 0.21 -0.04
C GLY A 122 -25.29 0.84 -0.81
N VAL A 123 -26.33 1.26 -0.04
CA VAL A 123 -27.50 1.80 -0.68
C VAL A 123 -27.22 3.02 -1.56
N GLU A 124 -26.27 3.88 -1.19
CA GLU A 124 -25.93 5.09 -1.98
C GLU A 124 -25.36 4.68 -3.35
N PHE A 125 -24.44 3.70 -3.33
CA PHE A 125 -23.92 3.17 -4.58
C PHE A 125 -24.99 2.55 -5.45
N LEU A 126 -25.83 1.72 -4.83
CA LEU A 126 -26.82 1.02 -5.56
C LEU A 126 -27.81 2.05 -6.21
N ARG A 127 -28.16 3.12 -5.46
CA ARG A 127 -29.05 4.13 -6.03
C ARG A 127 -28.36 4.82 -7.17
N ALA A 128 -27.07 5.10 -7.01
CA ALA A 128 -26.35 5.81 -8.08
C ALA A 128 -26.36 4.97 -9.37
N LEU A 129 -26.12 3.67 -9.20
CA LEU A 129 -26.12 2.72 -10.31
C LEU A 129 -27.47 2.69 -11.03
N VAL A 130 -28.54 2.54 -10.25
CA VAL A 130 -29.89 2.49 -10.81
C VAL A 130 -30.27 3.86 -11.44
N GLN A 131 -30.03 4.93 -10.70
CA GLN A 131 -30.42 6.29 -11.18
C GLN A 131 -29.69 6.71 -12.47
N ASN A 132 -28.43 6.26 -12.63
CA ASN A 132 -27.70 6.56 -13.86
C ASN A 132 -27.89 5.53 -14.94
N GLY A 133 -28.67 4.48 -14.76
CA GLY A 133 -28.93 3.54 -15.74
C GLY A 133 -27.81 2.59 -16.13
N VAL A 134 -27.07 2.18 -15.12
CA VAL A 134 -25.96 1.33 -15.38
C VAL A 134 -26.50 0.03 -15.89
N GLY A 135 -25.86 -0.51 -16.90
CA GLY A 135 -26.44 -1.66 -17.57
C GLY A 135 -26.57 -2.97 -16.81
N HIS A 136 -25.47 -3.39 -16.14
CA HIS A 136 -25.48 -4.66 -15.33
C HIS A 136 -24.99 -4.33 -13.90
N VAL A 137 -25.55 -5.00 -12.91
CA VAL A 137 -24.98 -5.12 -11.57
C VAL A 137 -24.69 -6.59 -11.32
N VAL A 138 -23.50 -6.87 -10.88
CA VAL A 138 -23.08 -8.22 -10.48
C VAL A 138 -23.29 -8.38 -8.99
N LEU A 139 -24.30 -9.18 -8.64
CA LEU A 139 -24.70 -9.40 -7.28
C LEU A 139 -23.75 -10.35 -6.57
N ASP A 140 -23.33 -9.90 -5.41
CA ASP A 140 -22.37 -10.62 -4.58
C ASP A 140 -22.94 -11.27 -3.33
N SER A 141 -24.14 -10.89 -2.90
CA SER A 141 -24.72 -11.45 -1.67
C SER A 141 -26.25 -11.35 -1.63
N ALA A 142 -26.79 -12.15 -0.76
CA ALA A 142 -28.25 -12.16 -0.57
C ALA A 142 -28.79 -10.79 -0.13
N GLN A 143 -28.05 -10.14 0.75
CA GLN A 143 -28.43 -8.79 1.21
C GLN A 143 -28.44 -7.84 0.08
N GLU A 144 -27.42 -7.88 -0.82
CA GLU A 144 -27.38 -6.99 -1.96
C GLU A 144 -28.56 -7.21 -2.89
N LEU A 145 -28.88 -8.48 -3.13
CA LEU A 145 -30.00 -8.89 -4.05
C LEU A 145 -31.30 -8.22 -3.53
N GLU A 146 -31.51 -8.31 -2.22
CA GLU A 146 -32.76 -7.73 -1.61
C GLU A 146 -32.72 -6.22 -1.63
N LEU A 147 -31.54 -5.65 -1.32
CA LEU A 147 -31.44 -4.18 -1.31
C LEU A 147 -31.52 -3.52 -2.71
N LEU A 148 -30.93 -4.16 -3.74
CA LEU A 148 -31.03 -3.66 -5.07
C LEU A 148 -32.46 -3.78 -5.60
N ASP A 149 -33.14 -4.89 -5.27
CA ASP A 149 -34.55 -5.06 -5.70
C ASP A 149 -35.36 -3.86 -5.12
N TYR A 150 -35.13 -3.54 -3.87
CA TYR A 150 -35.72 -2.35 -3.20
C TYR A 150 -35.42 -1.05 -3.87
N VAL A 151 -34.13 -0.83 -4.19
CA VAL A 151 -33.71 0.38 -4.80
C VAL A 151 -34.29 0.58 -6.19
N ALA A 152 -34.20 -0.48 -6.99
CA ALA A 152 -34.73 -0.47 -8.27
C ALA A 152 -36.27 -0.21 -8.24
N ALA A 153 -36.96 -0.84 -7.30
CA ALA A 153 -38.43 -0.63 -7.23
C ALA A 153 -38.67 0.88 -6.97
N GLY A 154 -37.88 1.47 -6.09
CA GLY A 154 -37.99 2.91 -5.80
C GLY A 154 -37.78 3.80 -6.98
N GLU A 155 -36.97 3.37 -7.94
CA GLU A 155 -36.77 4.17 -9.13
C GLU A 155 -37.76 3.79 -10.28
N GLY A 156 -38.59 2.80 -10.09
CA GLY A 156 -39.46 2.32 -11.16
C GLY A 156 -38.73 1.64 -12.27
N LYS A 157 -37.60 0.97 -11.96
CA LYS A 157 -36.78 0.38 -13.00
C LYS A 157 -36.59 -1.10 -12.73
N ILE A 158 -36.29 -1.84 -13.79
CA ILE A 158 -35.92 -3.24 -13.62
C ILE A 158 -34.44 -3.35 -13.99
N GLN A 159 -33.63 -3.76 -13.02
CA GLN A 159 -32.18 -3.75 -13.17
C GLN A 159 -31.73 -5.16 -13.64
N ASP A 160 -31.07 -5.18 -14.77
CA ASP A 160 -30.42 -6.39 -15.26
C ASP A 160 -29.22 -6.73 -14.29
N VAL A 161 -29.17 -7.97 -13.91
CA VAL A 161 -28.11 -8.49 -12.96
C VAL A 161 -27.43 -9.75 -13.43
N LEU A 162 -26.13 -9.88 -13.04
CA LEU A 162 -25.51 -11.17 -13.04
C LEU A 162 -25.37 -11.59 -11.57
N ILE A 163 -25.15 -12.88 -11.31
CA ILE A 163 -24.88 -13.34 -9.94
C ILE A 163 -23.44 -13.91 -9.95
N ARG A 164 -22.59 -13.42 -9.09
CA ARG A 164 -21.25 -14.00 -8.89
C ARG A 164 -21.31 -15.34 -8.18
N VAL A 165 -20.78 -16.38 -8.83
CA VAL A 165 -20.71 -17.68 -8.29
C VAL A 165 -19.23 -18.14 -8.12
N LYS A 166 -19.01 -18.95 -7.10
CA LYS A 166 -17.64 -19.51 -6.84
C LYS A 166 -17.63 -20.97 -7.34
N PRO A 167 -16.93 -21.22 -8.45
CA PRO A 167 -16.94 -22.59 -9.00
C PRO A 167 -15.88 -23.53 -8.43
N GLY A 168 -15.05 -23.04 -7.55
CA GLY A 168 -14.08 -23.91 -6.87
C GLY A 168 -12.85 -24.03 -7.76
N ILE A 169 -12.53 -23.02 -8.55
CA ILE A 169 -11.36 -23.06 -9.42
C ILE A 169 -10.54 -21.85 -9.18
N GLU A 170 -9.25 -22.00 -8.89
CA GLU A 170 -8.33 -20.92 -8.80
C GLU A 170 -7.28 -21.14 -9.84
N ALA A 171 -7.32 -20.34 -10.90
CA ALA A 171 -6.39 -20.48 -12.06
C ALA A 171 -5.21 -19.55 -11.97
N HIS A 172 -4.02 -20.13 -12.17
CA HIS A 172 -2.72 -19.41 -12.03
C HIS A 172 -1.92 -19.73 -13.30
N THR A 173 -0.67 -19.23 -13.32
CA THR A 173 0.13 -19.36 -14.52
C THR A 173 0.45 -20.84 -14.84
N HIS A 174 0.91 -21.56 -13.84
CA HIS A 174 1.42 -22.92 -14.19
C HIS A 174 0.51 -24.05 -13.77
N GLU A 175 -0.57 -23.71 -13.07
CA GLU A 175 -1.46 -24.70 -12.52
C GLU A 175 -2.86 -24.06 -12.32
N PHE A 176 -3.86 -24.89 -12.10
CA PHE A 176 -5.09 -24.46 -11.47
C PHE A 176 -5.39 -25.33 -10.30
N ILE A 177 -6.11 -24.79 -9.34
CA ILE A 177 -6.39 -25.49 -8.08
C ILE A 177 -7.89 -25.65 -8.04
N ALA A 178 -8.34 -26.90 -7.90
CA ALA A 178 -9.76 -27.19 -7.88
C ALA A 178 -10.20 -27.65 -6.50
N THR A 179 -11.31 -27.09 -6.02
CA THR A 179 -11.87 -27.39 -4.73
C THR A 179 -13.39 -27.41 -4.79
N SER A 180 -14.05 -27.94 -3.76
CA SER A 180 -15.54 -27.88 -3.77
C SER A 180 -16.00 -26.50 -3.28
N HIS A 181 -15.28 -26.02 -2.26
CA HIS A 181 -15.56 -24.77 -1.49
C HIS A 181 -14.40 -23.73 -1.73
N GLU A 182 -14.71 -22.44 -1.75
CA GLU A 182 -13.70 -21.41 -1.89
C GLU A 182 -13.86 -20.54 -0.68
N ASP A 183 -12.81 -20.43 0.11
CA ASP A 183 -12.78 -19.66 1.38
C ASP A 183 -12.38 -18.22 1.01
N GLN A 184 -13.37 -17.49 0.49
CA GLN A 184 -13.18 -16.07 0.15
C GLN A 184 -14.53 -15.35 0.23
N LYS A 185 -14.45 -14.04 0.21
CA LYS A 185 -15.64 -13.22 0.53
C LYS A 185 -16.66 -13.06 -0.56
N PHE A 186 -16.31 -13.36 -1.83
CA PHE A 186 -17.12 -13.00 -2.96
C PHE A 186 -18.16 -14.04 -3.29
N GLY A 187 -19.31 -13.57 -3.68
CA GLY A 187 -20.28 -14.44 -4.41
C GLY A 187 -20.93 -15.52 -3.57
N PHE A 188 -21.49 -16.49 -4.33
CA PHE A 188 -22.27 -17.55 -3.80
C PHE A 188 -21.62 -18.88 -4.25
N SER A 189 -21.58 -19.82 -3.33
CA SER A 189 -21.08 -21.13 -3.54
C SER A 189 -21.92 -21.89 -4.59
N LEU A 190 -21.27 -22.40 -5.60
CA LEU A 190 -21.93 -23.33 -6.53
C LEU A 190 -22.26 -24.66 -5.84
N ALA A 191 -21.28 -25.24 -5.14
CA ALA A 191 -21.41 -26.62 -4.67
C ALA A 191 -22.52 -26.81 -3.64
N SER A 192 -22.78 -25.82 -2.84
CA SER A 192 -23.71 -25.97 -1.74
C SER A 192 -25.15 -25.79 -2.15
N GLY A 193 -25.42 -25.24 -3.35
CA GLY A 193 -26.83 -24.87 -3.65
C GLY A 193 -27.17 -23.38 -3.46
N SER A 194 -26.25 -22.65 -2.85
CA SER A 194 -26.48 -21.26 -2.55
C SER A 194 -26.61 -20.44 -3.81
N ALA A 195 -25.75 -20.70 -4.81
CA ALA A 195 -25.82 -19.96 -6.04
C ALA A 195 -27.20 -20.18 -6.73
N PHE A 196 -27.64 -21.42 -6.78
CA PHE A 196 -28.99 -21.73 -7.35
C PHE A 196 -30.11 -20.97 -6.60
N GLU A 197 -30.04 -20.97 -5.28
CA GLU A 197 -31.01 -20.27 -4.40
C GLU A 197 -30.98 -18.77 -4.70
N ALA A 198 -29.79 -18.17 -4.98
CA ALA A 198 -29.73 -16.82 -5.37
C ALA A 198 -30.31 -16.57 -6.72
N ALA A 199 -30.09 -17.51 -7.65
CA ALA A 199 -30.70 -17.36 -8.98
C ALA A 199 -32.26 -17.42 -8.84
N LYS A 200 -32.76 -18.26 -7.92
CA LYS A 200 -34.26 -18.33 -7.68
C LYS A 200 -34.74 -16.97 -7.09
N ALA A 201 -33.97 -16.42 -6.16
CA ALA A 201 -34.32 -15.14 -5.54
C ALA A 201 -34.34 -14.05 -6.60
N ALA A 202 -33.36 -14.03 -7.52
CA ALA A 202 -33.31 -13.01 -8.53
C ALA A 202 -34.53 -13.19 -9.51
N ASN A 203 -34.83 -14.45 -9.80
CA ASN A 203 -36.01 -14.83 -10.63
C ASN A 203 -37.34 -14.38 -9.95
N ASN A 204 -37.45 -14.57 -8.64
CA ASN A 204 -38.66 -14.22 -7.87
C ASN A 204 -38.76 -12.67 -7.79
N ALA A 205 -37.66 -11.88 -8.01
CA ALA A 205 -37.66 -10.46 -7.68
C ALA A 205 -38.42 -9.67 -8.76
N GLU A 206 -39.30 -8.76 -8.30
CA GLU A 206 -40.11 -8.01 -9.25
C GLU A 206 -39.33 -6.96 -10.04
N ASN A 207 -38.20 -6.49 -9.49
CA ASN A 207 -37.42 -5.46 -10.12
C ASN A 207 -35.93 -5.80 -10.47
N LEU A 208 -35.63 -7.09 -10.63
CA LEU A 208 -34.31 -7.54 -11.13
C LEU A 208 -34.60 -8.44 -12.31
N ASN A 209 -33.73 -8.44 -13.30
CA ASN A 209 -33.80 -9.36 -14.40
C ASN A 209 -32.47 -10.12 -14.53
N LEU A 210 -32.52 -11.40 -14.22
CA LEU A 210 -31.28 -12.25 -14.25
C LEU A 210 -30.89 -12.50 -15.67
N VAL A 211 -29.71 -12.05 -16.11
CA VAL A 211 -29.27 -12.32 -17.46
C VAL A 211 -28.04 -13.31 -17.62
N GLY A 212 -27.47 -13.72 -16.52
CA GLY A 212 -26.35 -14.69 -16.55
C GLY A 212 -25.68 -14.77 -15.18
N LEU A 213 -24.67 -15.62 -15.12
CA LEU A 213 -23.85 -15.73 -14.01
C LEU A 213 -22.46 -15.23 -14.37
N HIS A 214 -21.70 -14.95 -13.30
CA HIS A 214 -20.31 -14.39 -13.41
C HIS A 214 -19.40 -15.21 -12.54
N CYS A 215 -18.16 -15.49 -13.01
CA CYS A 215 -17.19 -15.93 -12.07
C CYS A 215 -15.86 -15.19 -12.41
N HIS A 216 -15.00 -15.13 -11.41
CA HIS A 216 -13.64 -14.55 -11.60
C HIS A 216 -12.74 -15.47 -10.85
N VAL A 217 -11.88 -16.16 -11.60
CA VAL A 217 -11.11 -17.28 -11.08
C VAL A 217 -9.63 -17.20 -11.32
N GLY A 218 -9.19 -16.19 -12.04
CA GLY A 218 -7.80 -16.20 -12.47
C GLY A 218 -6.90 -15.06 -12.12
N SER A 219 -5.62 -15.35 -12.14
CA SER A 219 -4.58 -14.34 -12.08
C SER A 219 -3.35 -14.80 -12.84
N GLN A 220 -2.85 -13.96 -13.76
CA GLN A 220 -1.66 -14.33 -14.54
C GLN A 220 -1.85 -15.64 -15.26
N VAL A 221 -2.98 -15.77 -15.92
CA VAL A 221 -3.35 -16.95 -16.71
C VAL A 221 -3.00 -16.85 -18.15
N PHE A 222 -2.41 -17.97 -18.67
CA PHE A 222 -1.94 -17.97 -20.06
C PHE A 222 -2.47 -19.13 -20.91
N ASP A 223 -3.36 -19.97 -20.36
CA ASP A 223 -3.96 -21.01 -21.12
C ASP A 223 -5.44 -21.09 -20.72
N ALA A 224 -6.18 -21.93 -21.37
CA ALA A 224 -7.64 -21.95 -21.09
C ALA A 224 -8.09 -23.07 -20.17
N GLU A 225 -7.18 -23.89 -19.65
CA GLU A 225 -7.65 -25.13 -19.01
C GLU A 225 -8.46 -24.86 -17.73
N GLY A 226 -7.97 -23.98 -16.90
CA GLY A 226 -8.71 -23.61 -15.67
C GLY A 226 -10.00 -22.84 -15.98
N PHE A 227 -9.93 -21.91 -16.93
CA PHE A 227 -11.15 -21.22 -17.33
C PHE A 227 -12.17 -22.23 -17.85
N LYS A 228 -11.73 -23.23 -18.62
CA LYS A 228 -12.69 -24.21 -19.08
C LYS A 228 -13.38 -24.98 -18.03
N LEU A 229 -12.67 -25.46 -17.02
CA LEU A 229 -13.26 -26.21 -15.98
C LEU A 229 -14.23 -25.33 -15.16
N ALA A 230 -13.82 -24.11 -14.86
CA ALA A 230 -14.73 -23.12 -14.23
C ALA A 230 -16.02 -22.98 -15.06
N ALA A 231 -15.87 -22.81 -16.37
CA ALA A 231 -17.03 -22.65 -17.28
C ALA A 231 -17.86 -23.89 -17.27
N GLU A 232 -17.25 -25.08 -17.31
CA GLU A 232 -18.06 -26.33 -17.27
C GLU A 232 -18.90 -26.43 -15.99
N ARG A 233 -18.31 -26.08 -14.85
CA ARG A 233 -18.94 -26.12 -13.52
C ARG A 233 -20.12 -25.12 -13.46
N VAL A 234 -19.89 -23.94 -13.99
CA VAL A 234 -20.93 -22.92 -13.97
C VAL A 234 -22.05 -23.32 -14.98
N LEU A 235 -21.72 -23.84 -16.15
CA LEU A 235 -22.66 -24.30 -17.12
C LEU A 235 -23.52 -25.44 -16.58
N GLY A 236 -22.99 -26.21 -15.66
CA GLY A 236 -23.76 -27.19 -14.90
C GLY A 236 -24.92 -26.54 -14.16
N LEU A 237 -24.65 -25.39 -13.58
CA LEU A 237 -25.69 -24.58 -12.98
C LEU A 237 -26.65 -23.95 -13.99
N TYR A 238 -26.14 -23.54 -15.16
CA TYR A 238 -27.03 -23.08 -16.21
C TYR A 238 -28.06 -24.18 -16.54
N SER A 239 -27.54 -25.40 -16.63
CA SER A 239 -28.37 -26.57 -17.00
C SER A 239 -29.46 -26.75 -15.92
N GLN A 240 -29.05 -26.71 -14.63
CA GLN A 240 -30.08 -26.85 -13.53
C GLN A 240 -31.10 -25.67 -13.59
N ILE A 241 -30.65 -24.47 -13.83
CA ILE A 241 -31.55 -23.33 -14.00
C ILE A 241 -32.56 -23.56 -15.17
N HIS A 242 -32.07 -24.10 -16.28
CA HIS A 242 -32.92 -24.40 -17.41
C HIS A 242 -33.88 -25.52 -17.06
N SER A 243 -33.43 -26.63 -16.54
CA SER A 243 -34.31 -27.81 -16.32
C SER A 243 -35.28 -27.56 -15.13
N GLU A 244 -34.82 -26.85 -14.10
CA GLU A 244 -35.63 -26.64 -12.87
C GLU A 244 -36.47 -25.39 -12.88
N LEU A 245 -36.03 -24.34 -13.56
CA LEU A 245 -36.73 -23.06 -13.54
C LEU A 245 -37.31 -22.77 -14.94
N GLY A 246 -36.90 -23.50 -15.95
CA GLY A 246 -37.23 -23.14 -17.31
C GLY A 246 -36.64 -21.92 -17.86
N VAL A 247 -35.54 -21.46 -17.24
CA VAL A 247 -34.96 -20.19 -17.55
C VAL A 247 -33.70 -20.32 -18.39
N ALA A 248 -33.63 -19.54 -19.47
CA ALA A 248 -32.51 -19.52 -20.42
C ALA A 248 -31.67 -18.24 -20.08
N LEU A 249 -30.35 -18.40 -20.01
CA LEU A 249 -29.52 -17.24 -19.66
C LEU A 249 -28.66 -16.88 -20.83
N PRO A 250 -28.80 -15.66 -21.38
CA PRO A 250 -28.14 -15.29 -22.60
C PRO A 250 -26.64 -15.03 -22.51
N GLU A 251 -26.18 -14.70 -21.32
CA GLU A 251 -24.79 -14.29 -21.10
C GLU A 251 -24.10 -15.17 -20.07
N LEU A 252 -22.75 -15.23 -20.16
CA LEU A 252 -21.89 -15.94 -19.18
C LEU A 252 -20.62 -15.10 -19.06
N ASP A 253 -20.36 -14.54 -17.88
CA ASP A 253 -19.17 -13.67 -17.68
C ASP A 253 -18.12 -14.50 -16.94
N LEU A 254 -17.04 -14.81 -17.64
CA LEU A 254 -16.03 -15.67 -17.06
C LEU A 254 -14.88 -14.86 -16.49
N GLY A 255 -15.05 -13.56 -16.29
CA GLY A 255 -14.12 -12.78 -15.46
C GLY A 255 -12.78 -12.48 -16.16
N GLY A 256 -11.82 -12.11 -15.35
CA GLY A 256 -10.50 -11.72 -15.85
C GLY A 256 -9.40 -12.64 -15.48
N GLY A 257 -8.23 -12.04 -15.34
CA GLY A 257 -7.08 -12.84 -14.88
C GLY A 257 -6.13 -13.27 -15.98
N TYR A 258 -6.34 -12.76 -17.21
CA TYR A 258 -5.44 -12.97 -18.34
C TYR A 258 -4.09 -12.37 -17.99
N GLY A 259 -3.03 -13.08 -18.31
CA GLY A 259 -1.69 -12.72 -17.96
C GLY A 259 -0.94 -11.79 -18.90
N ILE A 260 0.11 -11.17 -18.38
CA ILE A 260 1.10 -10.45 -19.08
C ILE A 260 2.49 -10.94 -18.64
N ALA A 261 3.47 -10.75 -19.54
CA ALA A 261 4.87 -11.10 -19.25
C ALA A 261 5.52 -9.95 -18.51
N TYR A 262 6.00 -10.22 -17.27
CA TYR A 262 6.69 -9.20 -16.50
C TYR A 262 8.22 -9.23 -16.68
N THR A 263 8.75 -10.39 -17.00
CA THR A 263 10.16 -10.57 -17.10
C THR A 263 10.48 -11.28 -18.41
N ALA A 264 11.75 -11.19 -18.76
CA ALA A 264 12.16 -11.64 -20.09
C ALA A 264 11.97 -13.13 -20.31
N ALA A 265 12.08 -13.87 -19.22
CA ALA A 265 11.94 -15.36 -19.32
C ALA A 265 10.46 -15.79 -19.48
N GLU A 266 9.51 -14.89 -19.22
CA GLU A 266 8.14 -15.28 -19.36
C GLU A 266 7.64 -15.13 -20.79
N GLU A 267 6.61 -15.86 -21.16
CA GLU A 267 6.06 -15.78 -22.52
C GLU A 267 4.91 -14.80 -22.46
N PRO A 268 4.66 -14.04 -23.54
CA PRO A 268 3.47 -13.18 -23.63
C PRO A 268 2.21 -14.00 -23.77
N LEU A 269 1.06 -13.37 -23.53
CA LEU A 269 -0.20 -14.00 -23.73
C LEU A 269 -0.55 -14.15 -25.24
N ASN A 270 -1.07 -15.29 -25.66
CA ASN A 270 -1.62 -15.41 -26.99
C ASN A 270 -3.10 -15.45 -26.80
N VAL A 271 -3.70 -14.28 -26.84
CA VAL A 271 -5.13 -14.18 -26.49
C VAL A 271 -5.98 -14.90 -27.53
N ALA A 272 -5.59 -14.80 -28.80
CA ALA A 272 -6.34 -15.48 -29.85
C ALA A 272 -6.49 -16.98 -29.58
N GLU A 273 -5.38 -17.62 -29.18
CA GLU A 273 -5.39 -19.04 -28.91
C GLU A 273 -6.20 -19.42 -27.67
N VAL A 274 -5.98 -18.67 -26.60
CA VAL A 274 -6.72 -18.91 -25.38
C VAL A 274 -8.25 -18.81 -25.58
N ALA A 275 -8.67 -17.72 -26.20
CA ALA A 275 -10.08 -17.46 -26.43
C ALA A 275 -10.67 -18.52 -27.30
N SER A 276 -9.96 -18.89 -28.38
CA SER A 276 -10.50 -19.89 -29.30
C SER A 276 -10.77 -21.19 -28.54
N ASP A 277 -9.78 -21.63 -27.76
CA ASP A 277 -9.87 -22.84 -26.93
C ASP A 277 -11.07 -22.75 -25.99
N LEU A 278 -11.14 -21.64 -25.26
CA LEU A 278 -12.20 -21.44 -24.28
C LEU A 278 -13.60 -21.43 -24.94
N LEU A 279 -13.75 -20.59 -25.96
CA LEU A 279 -15.09 -20.39 -26.54
C LEU A 279 -15.51 -21.69 -27.26
N THR A 280 -14.57 -22.39 -27.90
CA THR A 280 -14.94 -23.70 -28.53
C THR A 280 -15.50 -24.66 -27.47
N ALA A 281 -14.81 -24.72 -26.34
CA ALA A 281 -15.21 -25.56 -25.22
C ALA A 281 -16.61 -25.17 -24.70
N VAL A 282 -16.85 -23.87 -24.48
CA VAL A 282 -18.14 -23.39 -23.97
C VAL A 282 -19.24 -23.82 -24.97
N GLY A 283 -18.98 -23.72 -26.26
CA GLY A 283 -20.05 -24.11 -27.23
C GLY A 283 -20.36 -25.58 -27.16
N LYS A 284 -19.32 -26.38 -27.12
CA LYS A 284 -19.47 -27.84 -26.97
C LYS A 284 -20.18 -28.25 -25.70
N MET A 285 -19.84 -27.61 -24.58
CA MET A 285 -20.49 -27.87 -23.29
C MET A 285 -21.95 -27.53 -23.32
N ALA A 286 -22.27 -26.39 -23.89
CA ALA A 286 -23.69 -25.91 -24.02
C ALA A 286 -24.47 -26.92 -24.86
N ALA A 287 -23.85 -27.37 -25.95
CA ALA A 287 -24.56 -28.30 -26.82
C ALA A 287 -24.80 -29.61 -26.11
N GLU A 288 -23.80 -30.13 -25.38
CA GLU A 288 -23.96 -31.31 -24.57
C GLU A 288 -25.07 -31.23 -23.56
N LEU A 289 -25.24 -30.09 -22.90
CA LEU A 289 -26.27 -29.96 -21.84
C LEU A 289 -27.65 -29.62 -22.39
N GLY A 290 -27.77 -29.32 -23.65
CA GLY A 290 -29.06 -28.92 -24.21
C GLY A 290 -29.52 -27.52 -23.92
N ILE A 291 -28.56 -26.57 -23.78
CA ILE A 291 -28.87 -25.17 -23.52
C ILE A 291 -28.35 -24.29 -24.60
N ASP A 292 -28.89 -23.08 -24.66
CA ASP A 292 -28.44 -22.06 -25.59
C ASP A 292 -26.92 -21.80 -25.24
N ALA A 293 -26.00 -21.82 -26.23
CA ALA A 293 -24.61 -21.31 -26.03
C ALA A 293 -24.68 -19.82 -25.62
N PRO A 294 -24.24 -19.48 -24.40
CA PRO A 294 -24.33 -18.09 -23.97
C PRO A 294 -23.25 -17.22 -24.59
N THR A 295 -23.54 -15.93 -24.76
CA THR A 295 -22.54 -14.94 -25.12
C THR A 295 -21.53 -14.87 -23.93
N VAL A 296 -20.27 -15.06 -24.26
CA VAL A 296 -19.20 -15.08 -23.25
C VAL A 296 -18.64 -13.69 -23.13
N LEU A 297 -18.61 -13.18 -21.88
CA LEU A 297 -18.08 -11.85 -21.54
C LEU A 297 -16.81 -12.13 -20.73
N VAL A 298 -15.81 -11.28 -20.91
CA VAL A 298 -14.56 -11.37 -20.15
C VAL A 298 -14.22 -9.99 -19.57
N GLU A 299 -13.42 -9.97 -18.51
CA GLU A 299 -13.07 -8.77 -17.78
C GLU A 299 -11.58 -8.59 -17.54
N PRO A 300 -10.78 -8.53 -18.60
CA PRO A 300 -9.37 -8.22 -18.37
C PRO A 300 -9.04 -6.80 -17.93
N GLY A 301 -8.20 -6.76 -16.90
CA GLY A 301 -7.57 -5.55 -16.41
C GLY A 301 -6.13 -5.46 -16.78
N ARG A 302 -5.32 -6.28 -16.11
CA ARG A 302 -3.89 -6.37 -16.36
C ARG A 302 -3.49 -6.49 -17.86
N ALA A 303 -4.23 -7.33 -18.58
CA ALA A 303 -3.89 -7.68 -19.97
C ALA A 303 -4.33 -6.60 -20.98
N ILE A 304 -5.06 -5.58 -20.49
CA ILE A 304 -5.37 -4.39 -21.31
C ILE A 304 -4.44 -3.30 -20.93
N ALA A 305 -4.22 -3.01 -19.62
CA ALA A 305 -3.48 -1.85 -19.20
C ALA A 305 -1.98 -2.02 -18.86
N GLY A 306 -1.61 -3.20 -18.42
CA GLY A 306 -0.28 -3.42 -17.89
C GLY A 306 0.88 -3.09 -18.75
N PRO A 307 0.98 -3.78 -19.92
CA PRO A 307 2.15 -3.66 -20.75
C PRO A 307 2.35 -2.29 -21.32
N SER A 308 1.27 -1.50 -21.43
CA SER A 308 1.42 -0.20 -22.02
C SER A 308 2.35 0.74 -21.33
N THR A 309 2.54 0.52 -20.02
CA THR A 309 3.07 1.54 -19.12
C THR A 309 4.32 1.14 -18.49
N VAL A 310 5.26 2.06 -18.42
CA VAL A 310 6.51 1.93 -17.66
C VAL A 310 6.63 3.06 -16.64
N THR A 311 7.43 2.81 -15.60
CA THR A 311 7.72 3.80 -14.59
C THR A 311 9.18 4.15 -14.73
N ILE A 312 9.44 5.40 -15.04
CA ILE A 312 10.80 5.93 -15.06
C ILE A 312 11.19 6.52 -13.70
N TYR A 313 12.36 6.11 -13.21
CA TYR A 313 13.00 6.69 -12.04
C TYR A 313 14.32 7.36 -12.39
N GLU A 314 14.74 8.30 -11.56
CA GLU A 314 16.16 8.74 -11.58
C GLU A 314 16.95 7.91 -10.53
N VAL A 315 18.06 7.38 -10.93
CA VAL A 315 18.97 6.70 -10.05
C VAL A 315 19.64 7.73 -9.14
N GLY A 316 19.80 7.35 -7.88
CA GLY A 316 20.41 8.18 -6.90
C GLY A 316 21.64 7.50 -6.26
N THR A 317 21.58 7.26 -4.97
CA THR A 317 22.64 6.70 -4.20
C THR A 317 22.95 5.30 -4.62
N THR A 318 24.25 4.96 -4.71
CA THR A 318 24.69 3.62 -4.89
C THR A 318 25.69 3.22 -3.82
N LYS A 319 25.58 1.98 -3.39
CA LYS A 319 26.53 1.48 -2.42
C LYS A 319 26.72 0.01 -2.49
N ASP A 320 27.97 -0.44 -2.20
CA ASP A 320 28.23 -1.87 -2.06
C ASP A 320 28.06 -2.25 -0.60
N VAL A 321 27.27 -3.31 -0.36
CA VAL A 321 27.01 -3.87 0.96
C VAL A 321 27.49 -5.29 1.08
N HIS A 322 28.42 -5.57 2.00
CA HIS A 322 28.80 -6.98 2.22
C HIS A 322 27.64 -7.69 2.93
N VAL A 323 27.29 -8.85 2.43
CA VAL A 323 26.18 -9.65 2.97
C VAL A 323 26.72 -10.71 3.94
N ASP A 324 27.92 -11.19 3.64
CA ASP A 324 28.75 -12.01 4.58
C ASP A 324 30.19 -11.55 4.33
N ASP A 325 31.18 -12.30 4.83
CA ASP A 325 32.61 -11.91 4.57
C ASP A 325 32.96 -11.91 3.05
N ASP A 326 32.29 -12.75 2.25
CA ASP A 326 32.71 -12.96 0.85
C ASP A 326 31.80 -12.40 -0.24
N LYS A 327 30.50 -12.25 0.01
CA LYS A 327 29.58 -11.79 -1.07
C LYS A 327 29.14 -10.30 -0.85
N THR A 328 29.03 -9.58 -1.95
CA THR A 328 28.63 -8.18 -1.98
C THR A 328 27.31 -8.04 -2.71
N ARG A 329 26.42 -7.19 -2.23
CA ARG A 329 25.24 -6.83 -2.98
C ARG A 329 25.27 -5.33 -3.27
N ARG A 330 25.04 -4.94 -4.53
CA ARG A 330 25.11 -3.55 -4.90
C ARG A 330 23.70 -2.95 -4.76
N TYR A 331 23.57 -1.96 -3.90
CA TYR A 331 22.26 -1.33 -3.65
C TYR A 331 22.19 -0.09 -4.48
N ILE A 332 21.14 0.04 -5.27
CA ILE A 332 20.86 1.20 -6.11
C ILE A 332 19.54 1.78 -5.59
N ALA A 333 19.56 3.04 -5.20
CA ALA A 333 18.36 3.76 -4.79
C ALA A 333 17.78 4.50 -6.00
N VAL A 334 16.46 4.53 -6.09
CA VAL A 334 15.72 5.34 -6.95
C VAL A 334 14.81 6.25 -6.17
N ASP A 335 14.36 7.26 -6.83
CA ASP A 335 13.57 8.31 -6.21
C ASP A 335 12.17 8.00 -5.80
N GLY A 336 11.59 6.91 -6.19
CA GLY A 336 10.21 6.53 -5.68
C GLY A 336 10.33 5.38 -4.73
N GLY A 337 9.47 4.36 -4.89
CA GLY A 337 9.59 3.23 -4.04
C GLY A 337 8.26 2.60 -3.88
N MET A 338 8.07 1.94 -2.72
CA MET A 338 6.85 1.24 -2.46
C MET A 338 5.60 2.19 -2.45
N SER A 339 5.74 3.52 -2.37
CA SER A 339 4.62 4.48 -2.56
C SER A 339 4.10 4.54 -4.03
N ASP A 340 4.90 4.15 -5.03
CA ASP A 340 4.37 4.11 -6.41
C ASP A 340 4.31 2.71 -6.99
N ASN A 341 4.96 1.74 -6.34
CA ASN A 341 4.77 0.34 -6.76
C ASN A 341 4.96 -0.54 -5.51
N ILE A 342 3.83 -0.82 -4.92
CA ILE A 342 3.82 -1.63 -3.66
C ILE A 342 3.91 -3.12 -4.03
N ARG A 343 3.82 -3.49 -5.32
CA ARG A 343 3.60 -4.87 -5.69
C ARG A 343 4.78 -5.84 -5.34
N PRO A 344 6.04 -5.38 -5.53
CA PRO A 344 7.15 -6.25 -4.99
C PRO A 344 7.06 -6.56 -3.52
N ALA A 345 6.81 -5.53 -2.70
CA ALA A 345 6.70 -5.73 -1.28
C ALA A 345 5.45 -6.57 -0.87
N LEU A 346 4.32 -6.28 -1.49
CA LEU A 346 3.07 -6.89 -1.13
C LEU A 346 2.89 -8.29 -1.63
N TYR A 347 3.24 -8.52 -2.89
CA TYR A 347 2.95 -9.82 -3.57
C TYR A 347 4.19 -10.63 -3.89
N GLY A 348 5.36 -10.04 -3.72
CA GLY A 348 6.58 -10.60 -4.22
C GLY A 348 6.76 -10.47 -5.76
N SER A 349 6.07 -9.55 -6.35
CA SER A 349 6.08 -9.38 -7.83
C SER A 349 7.48 -9.09 -8.33
N GLU A 350 7.85 -9.73 -9.46
CA GLU A 350 9.14 -9.50 -10.11
C GLU A 350 8.99 -8.65 -11.39
N TYR A 351 9.69 -7.53 -11.45
CA TYR A 351 9.68 -6.58 -12.58
C TYR A 351 11.00 -6.65 -13.34
N ASP A 352 10.93 -6.23 -14.60
CA ASP A 352 12.06 -6.03 -15.49
C ASP A 352 12.48 -4.56 -15.38
N ALA A 353 13.76 -4.35 -15.05
CA ALA A 353 14.29 -3.01 -15.00
C ALA A 353 15.35 -2.82 -16.09
N ARG A 354 15.31 -1.63 -16.68
CA ARG A 354 16.30 -1.26 -17.74
C ARG A 354 16.74 0.18 -17.54
N VAL A 355 18.01 0.45 -17.85
CA VAL A 355 18.50 1.82 -18.01
C VAL A 355 18.07 2.30 -19.40
N VAL A 356 17.29 3.42 -19.42
CA VAL A 356 16.61 3.88 -20.62
C VAL A 356 17.29 5.09 -21.23
N SER A 357 18.42 5.50 -20.65
CA SER A 357 19.11 6.71 -21.02
C SER A 357 20.43 6.45 -21.71
N ARG A 358 20.90 5.22 -21.67
CA ARG A 358 22.18 4.83 -22.30
C ARG A 358 22.30 3.33 -22.31
N PHE A 359 23.34 2.82 -22.99
CA PHE A 359 23.81 1.49 -22.76
C PHE A 359 24.79 1.45 -21.59
N ALA A 360 24.66 0.43 -20.77
CA ALA A 360 25.60 0.20 -19.67
C ALA A 360 26.80 -0.62 -20.13
N GLU A 361 27.92 -0.46 -19.44
CA GLU A 361 29.17 -1.09 -19.83
C GLU A 361 29.87 -1.86 -18.77
N GLY A 362 29.37 -1.81 -17.53
CA GLY A 362 30.08 -2.38 -16.38
C GLY A 362 29.90 -3.85 -16.21
N ASP A 363 30.78 -4.49 -15.43
CA ASP A 363 30.67 -5.92 -15.17
C ASP A 363 29.36 -6.19 -14.43
N PRO A 364 28.68 -7.25 -14.75
CA PRO A 364 27.41 -7.51 -14.02
C PRO A 364 27.63 -8.10 -12.62
N VAL A 365 26.88 -7.59 -11.63
CA VAL A 365 27.08 -7.88 -10.20
C VAL A 365 25.70 -7.95 -9.58
N SER A 366 25.62 -8.69 -8.52
CA SER A 366 24.37 -8.87 -7.79
C SER A 366 23.93 -7.48 -7.27
N THR A 367 22.69 -7.16 -7.57
CA THR A 367 22.10 -5.83 -7.43
C THR A 367 20.74 -5.92 -6.80
N ARG A 368 20.43 -4.90 -5.99
CA ARG A 368 19.10 -4.72 -5.43
C ARG A 368 18.72 -3.25 -5.65
N ILE A 369 17.53 -3.04 -6.21
CA ILE A 369 17.01 -1.71 -6.44
C ILE A 369 16.03 -1.39 -5.32
N VAL A 370 16.29 -0.27 -4.64
CA VAL A 370 15.50 0.10 -3.47
C VAL A 370 14.94 1.50 -3.70
N GLY A 371 13.87 1.79 -2.97
CA GLY A 371 13.31 3.13 -3.00
C GLY A 371 13.96 4.08 -2.05
N SER A 372 13.27 5.23 -1.85
CA SER A 372 13.79 6.36 -1.01
C SER A 372 13.05 6.42 0.39
N HIS A 373 12.23 5.43 0.69
CA HIS A 373 11.49 5.42 1.97
C HIS A 373 12.29 4.91 3.12
N CYS A 374 11.89 5.34 4.31
CA CYS A 374 12.72 5.01 5.49
C CYS A 374 12.31 3.68 6.10
N GLU A 375 12.20 2.64 5.28
CA GLU A 375 11.81 1.32 5.70
C GLU A 375 12.70 0.30 4.91
N SER A 376 13.24 -0.74 5.55
CA SER A 376 14.18 -1.63 4.82
C SER A 376 13.51 -2.47 3.71
N GLY A 377 12.21 -2.84 3.88
CA GLY A 377 11.45 -3.50 2.85
C GLY A 377 10.94 -2.73 1.63
N ASP A 378 11.37 -1.47 1.52
CA ASP A 378 11.06 -0.66 0.34
C ASP A 378 12.04 -1.03 -0.74
N ILE A 379 11.79 -2.17 -1.32
CA ILE A 379 12.60 -2.81 -2.31
C ILE A 379 11.73 -2.95 -3.56
N LEU A 380 12.28 -2.55 -4.72
CA LEU A 380 11.65 -2.71 -6.02
C LEU A 380 12.09 -3.89 -6.80
N ILE A 381 13.37 -4.22 -6.72
CA ILE A 381 13.95 -5.38 -7.46
C ILE A 381 14.85 -6.02 -6.44
N ASN A 382 14.49 -7.25 -6.07
CA ASN A 382 15.13 -7.91 -4.93
C ASN A 382 16.51 -8.45 -5.21
N ASP A 383 16.70 -9.13 -6.34
CA ASP A 383 18.01 -9.83 -6.58
C ASP A 383 18.19 -10.14 -8.05
N GLU A 384 18.86 -9.26 -8.77
CA GLU A 384 19.18 -9.53 -10.18
C GLU A 384 20.64 -9.23 -10.37
N ILE A 385 21.21 -9.69 -11.50
CA ILE A 385 22.57 -9.40 -11.82
C ILE A 385 22.58 -8.32 -12.89
N TYR A 386 22.98 -7.11 -12.52
CA TYR A 386 22.95 -5.92 -13.37
C TYR A 386 24.34 -5.34 -13.48
N PRO A 387 24.64 -4.69 -14.58
CA PRO A 387 25.93 -3.97 -14.67
C PRO A 387 26.26 -3.01 -13.54
N SER A 388 27.51 -3.06 -13.09
CA SER A 388 28.01 -2.27 -11.97
C SER A 388 28.20 -0.83 -12.21
N ASP A 389 28.00 -0.34 -13.42
CA ASP A 389 28.13 1.08 -13.69
C ASP A 389 26.83 1.91 -13.62
N ILE A 390 25.75 1.27 -13.32
CA ILE A 390 24.49 2.06 -13.15
C ILE A 390 24.75 3.02 -12.00
N THR A 391 24.50 4.30 -12.25
CA THR A 391 24.88 5.35 -11.31
C THR A 391 23.95 6.55 -11.23
N SER A 392 24.12 7.38 -10.22
CA SER A 392 23.38 8.61 -10.00
C SER A 392 23.19 9.44 -11.31
N GLY A 393 21.98 9.75 -11.60
CA GLY A 393 21.58 10.49 -12.83
C GLY A 393 21.15 9.66 -14.02
N ASP A 394 21.47 8.37 -14.04
CA ASP A 394 20.92 7.47 -15.01
C ASP A 394 19.38 7.46 -14.82
N PHE A 395 18.67 7.22 -15.92
CA PHE A 395 17.20 6.97 -15.86
C PHE A 395 17.01 5.54 -15.99
N LEU A 396 16.28 4.94 -15.00
CA LEU A 396 16.08 3.52 -14.87
C LEU A 396 14.57 3.32 -14.83
N ALA A 397 14.01 2.46 -15.68
CA ALA A 397 12.54 2.22 -15.77
C ALA A 397 12.21 0.76 -15.49
N LEU A 398 11.04 0.55 -14.88
CA LEU A 398 10.44 -0.79 -14.71
C LEU A 398 9.31 -0.91 -15.67
N ALA A 399 9.30 -2.03 -16.39
CA ALA A 399 8.25 -2.32 -17.34
C ALA A 399 7.01 -2.82 -16.74
N ALA A 400 5.92 -2.71 -17.52
CA ALA A 400 4.62 -3.32 -17.20
C ALA A 400 4.06 -2.86 -15.88
N THR A 401 4.16 -1.56 -15.64
CA THR A 401 3.62 -1.00 -14.39
C THR A 401 2.26 -0.37 -14.58
N GLY A 402 1.59 -0.65 -15.69
CA GLY A 402 0.30 0.01 -15.93
C GLY A 402 -0.88 -0.63 -15.30
N ALA A 403 -0.70 -1.75 -14.60
CA ALA A 403 -1.78 -2.36 -13.89
C ALA A 403 -1.45 -2.43 -12.39
N TYR A 404 -2.36 -1.88 -11.62
CA TYR A 404 -2.40 -1.87 -10.17
C TYR A 404 -1.40 -0.90 -9.49
N CYS A 405 -0.26 -0.61 -10.08
CA CYS A 405 0.79 0.16 -9.45
C CYS A 405 0.32 1.57 -9.02
N TYR A 406 -0.13 2.36 -9.99
CA TYR A 406 -0.66 3.69 -9.66
C TYR A 406 -1.83 3.60 -8.75
N ALA A 407 -2.74 2.69 -9.03
CA ALA A 407 -3.96 2.58 -8.24
C ALA A 407 -3.71 2.27 -6.76
N MET A 408 -2.59 1.68 -6.44
CA MET A 408 -2.29 1.28 -5.10
C MET A 408 -1.26 2.22 -4.48
N SER A 409 -0.97 3.31 -5.15
CA SER A 409 0.00 4.30 -4.67
C SER A 409 -0.42 5.00 -3.40
N SER A 410 0.58 5.34 -2.58
CA SER A 410 0.37 5.93 -1.25
C SER A 410 1.19 7.22 -1.14
N ARG A 411 0.88 7.97 -0.06
CA ARG A 411 1.68 9.12 0.32
C ARG A 411 2.53 8.81 1.53
N TYR A 412 3.06 7.59 1.56
CA TYR A 412 4.00 7.24 2.65
C TYR A 412 5.21 8.18 2.66
N ASN A 413 5.62 8.60 3.87
CA ASN A 413 6.61 9.63 4.00
C ASN A 413 6.24 10.96 3.27
N ALA A 414 4.93 11.22 3.15
CA ALA A 414 4.38 12.37 2.41
C ALA A 414 4.90 12.44 0.98
N PHE A 415 5.30 11.34 0.35
CA PHE A 415 5.65 11.36 -1.06
C PHE A 415 4.38 11.67 -1.86
N THR A 416 4.57 12.39 -2.97
CA THR A 416 3.52 12.82 -3.83
C THR A 416 3.32 11.75 -4.90
N ARG A 417 2.07 11.49 -5.26
CA ARG A 417 1.76 10.58 -6.42
C ARG A 417 2.48 11.11 -7.66
N PRO A 418 3.16 10.21 -8.41
CA PRO A 418 3.80 10.63 -9.66
C PRO A 418 2.79 11.10 -10.72
N ALA A 419 3.31 11.89 -11.65
CA ALA A 419 2.64 12.23 -12.86
C ALA A 419 2.44 11.01 -13.79
N VAL A 420 1.39 11.03 -14.58
CA VAL A 420 1.14 10.01 -15.59
C VAL A 420 0.98 10.75 -16.91
N VAL A 421 1.77 10.36 -17.93
CA VAL A 421 1.74 10.98 -19.27
C VAL A 421 1.49 9.86 -20.24
N SER A 422 0.74 10.15 -21.31
CA SER A 422 0.60 9.22 -22.41
C SER A 422 1.43 9.69 -23.56
N VAL A 423 1.81 8.75 -24.38
CA VAL A 423 2.53 9.08 -25.61
C VAL A 423 1.94 8.41 -26.80
N ARG A 424 1.97 9.17 -27.90
CA ARG A 424 1.45 8.67 -29.18
C ARG A 424 1.98 9.60 -30.32
N ALA A 425 2.37 9.00 -31.44
CA ALA A 425 2.73 9.83 -32.64
C ALA A 425 3.79 10.86 -32.40
N GLY A 426 4.79 10.48 -31.55
CA GLY A 426 5.91 11.33 -31.25
C GLY A 426 5.61 12.49 -30.35
N SER A 427 4.46 12.50 -29.71
CA SER A 427 4.18 13.54 -28.74
C SER A 427 3.61 12.94 -27.45
N SER A 428 3.65 13.78 -26.44
CA SER A 428 3.22 13.40 -25.09
C SER A 428 2.03 14.25 -24.68
N ARG A 429 1.18 13.69 -23.85
CA ARG A 429 0.11 14.43 -23.23
C ARG A 429 0.02 14.11 -21.74
N LEU A 430 -0.14 15.11 -20.92
CA LEU A 430 -0.28 14.83 -19.51
C LEU A 430 -1.63 14.18 -19.30
N MET A 431 -1.70 13.08 -18.54
CA MET A 431 -2.93 12.47 -18.19
C MET A 431 -3.33 12.84 -16.76
N LEU A 432 -2.41 12.59 -15.82
CA LEU A 432 -2.59 13.01 -14.42
C LEU A 432 -1.36 13.81 -14.02
N ARG A 433 -1.61 14.97 -13.39
CA ARG A 433 -0.52 15.73 -12.85
C ARG A 433 0.02 15.12 -11.60
N ARG A 434 1.29 15.36 -11.38
CA ARG A 434 1.94 15.00 -10.17
C ARG A 434 1.26 15.73 -9.00
N GLU A 435 1.08 15.02 -7.88
CA GLU A 435 0.69 15.71 -6.65
C GLU A 435 1.75 16.65 -6.15
N THR A 436 1.33 17.60 -5.30
CA THR A 436 2.24 18.58 -4.72
C THR A 436 2.09 18.53 -3.18
N LEU A 437 3.00 19.23 -2.54
CA LEU A 437 2.87 19.48 -1.07
C LEU A 437 1.56 20.14 -0.79
N ASP A 438 1.13 21.06 -1.64
CA ASP A 438 -0.11 21.73 -1.37
C ASP A 438 -1.31 20.78 -1.36
N ASP A 439 -1.30 19.78 -2.23
CA ASP A 439 -2.34 18.74 -2.20
C ASP A 439 -2.38 18.01 -0.87
N ILE A 440 -1.21 17.67 -0.38
CA ILE A 440 -1.12 17.02 0.94
C ILE A 440 -1.63 17.91 2.05
N LEU A 441 -1.19 19.16 2.02
CA LEU A 441 -1.65 20.09 3.02
C LEU A 441 -3.11 20.54 2.90
N SER A 442 -3.72 20.30 1.73
CA SER A 442 -5.08 20.73 1.44
C SER A 442 -6.07 20.03 2.36
N LEU A 443 -5.69 18.86 2.88
CA LEU A 443 -6.61 18.14 3.75
C LEU A 443 -6.68 18.65 5.18
N GLU A 444 -5.77 19.53 5.51
CA GLU A 444 -5.81 20.22 6.76
C GLU A 444 -6.85 21.42 6.56
N THR B 3 -15.32 -16.11 24.35
CA THR B 3 -16.71 -15.91 24.83
C THR B 3 -17.29 -14.56 24.37
N VAL B 4 -18.59 -14.41 24.57
CA VAL B 4 -19.26 -13.13 24.33
C VAL B 4 -18.79 -12.10 25.34
N GLU B 5 -18.61 -12.56 26.58
CA GLU B 5 -18.17 -11.70 27.63
C GLU B 5 -16.78 -11.13 27.28
N ASN B 6 -15.86 -11.95 26.81
CA ASN B 6 -14.50 -11.51 26.41
C ASN B 6 -14.63 -10.45 25.26
N PHE B 7 -15.46 -10.71 24.25
CA PHE B 7 -15.59 -9.76 23.14
C PHE B 7 -16.10 -8.38 23.59
N ASN B 8 -16.99 -8.38 24.60
CA ASN B 8 -17.58 -7.14 25.16
C ASN B 8 -16.66 -6.35 26.16
N GLU B 9 -15.49 -6.88 26.47
CA GLU B 9 -14.48 -6.17 27.19
C GLU B 9 -13.85 -5.09 26.30
N LEU B 10 -12.98 -4.31 26.90
CA LEU B 10 -12.22 -3.30 26.17
C LEU B 10 -10.84 -3.25 26.79
N PRO B 11 -9.84 -3.93 26.16
CA PRO B 11 -8.55 -4.10 26.83
C PRO B 11 -7.82 -2.78 26.96
N ALA B 12 -7.68 -2.32 28.21
CA ALA B 12 -7.28 -0.96 28.49
C ALA B 12 -5.84 -0.71 28.05
N HIS B 13 -5.00 -1.77 28.00
CA HIS B 13 -3.64 -1.61 27.66
C HIS B 13 -3.41 -1.54 26.12
N VAL B 14 -4.45 -1.82 25.35
CA VAL B 14 -4.41 -1.76 23.85
C VAL B 14 -5.10 -0.52 23.39
N TRP B 15 -6.27 -0.25 23.96
CA TRP B 15 -7.15 0.84 23.57
C TRP B 15 -6.61 2.24 24.06
N PRO B 16 -7.06 3.35 23.46
CA PRO B 16 -6.52 4.66 23.86
C PRO B 16 -6.75 4.86 25.37
N ARG B 17 -5.85 5.59 25.96
CA ARG B 17 -5.96 5.80 27.45
C ARG B 17 -7.24 6.40 27.93
N ASN B 18 -7.94 7.22 27.15
CA ASN B 18 -9.21 7.81 27.56
C ASN B 18 -10.38 7.11 26.90
N ALA B 19 -10.23 5.85 26.51
CA ALA B 19 -11.37 5.05 26.05
C ALA B 19 -12.07 4.33 27.16
N VAL B 20 -13.38 4.34 27.16
CA VAL B 20 -14.18 3.62 28.18
C VAL B 20 -15.42 2.95 27.57
N ARG B 21 -15.69 1.71 27.99
CA ARG B 21 -16.87 0.98 27.67
C ARG B 21 -17.97 1.46 28.65
N GLN B 22 -18.94 2.14 28.11
CA GLN B 22 -20.12 2.60 28.91
C GLN B 22 -21.11 1.44 29.21
N GLU B 23 -22.08 1.70 30.09
CA GLU B 23 -22.94 0.65 30.57
C GLU B 23 -23.91 0.10 29.53
N ASP B 24 -24.17 0.86 28.49
CA ASP B 24 -25.01 0.43 27.37
C ASP B 24 -24.18 -0.18 26.23
N GLY B 25 -22.88 -0.42 26.45
CA GLY B 25 -22.02 -1.03 25.44
C GLY B 25 -21.29 -0.05 24.52
N VAL B 26 -21.72 1.20 24.54
CA VAL B 26 -21.13 2.25 23.68
C VAL B 26 -19.73 2.60 24.20
N VAL B 27 -18.74 2.68 23.32
CA VAL B 27 -17.37 3.12 23.72
C VAL B 27 -17.19 4.62 23.46
N THR B 28 -16.75 5.34 24.51
CA THR B 28 -16.42 6.73 24.39
C THR B 28 -14.93 6.90 24.38
N VAL B 29 -14.42 7.94 23.73
CA VAL B 29 -12.96 8.31 23.81
C VAL B 29 -12.93 9.81 24.20
N ALA B 30 -12.22 10.10 25.28
CA ALA B 30 -12.22 11.47 25.89
C ALA B 30 -13.65 11.98 26.03
N GLY B 31 -14.52 11.13 26.49
CA GLY B 31 -15.89 11.51 26.70
C GLY B 31 -16.80 11.55 25.51
N VAL B 32 -16.29 11.30 24.31
CA VAL B 32 -17.08 11.49 23.12
C VAL B 32 -17.50 10.06 22.59
N PRO B 33 -18.78 9.76 22.46
CA PRO B 33 -19.22 8.42 21.96
C PRO B 33 -18.70 8.22 20.53
N LEU B 34 -17.98 7.11 20.34
CA LEU B 34 -17.56 6.78 18.96
C LEU B 34 -18.70 6.74 17.91
N PRO B 35 -19.86 6.15 18.26
CA PRO B 35 -20.96 6.19 17.28
C PRO B 35 -21.37 7.57 16.91
N ASP B 36 -21.31 8.60 17.81
CA ASP B 36 -21.67 9.96 17.40
C ASP B 36 -20.72 10.52 16.40
N LEU B 37 -19.43 10.24 16.63
CA LEU B 37 -18.44 10.65 15.66
C LEU B 37 -18.64 9.99 14.31
N ALA B 38 -18.93 8.71 14.32
CA ALA B 38 -19.20 8.01 13.07
C ALA B 38 -20.36 8.63 12.30
N GLU B 39 -21.38 9.02 13.04
CA GLU B 39 -22.58 9.66 12.43
C GLU B 39 -22.24 11.05 11.90
N GLU B 40 -21.44 11.77 12.61
CA GLU B 40 -21.09 13.12 12.26
C GLU B 40 -20.10 13.23 11.08
N TYR B 41 -19.04 12.41 11.11
CA TYR B 41 -17.99 12.54 10.17
C TYR B 41 -17.94 11.45 9.09
N GLY B 42 -18.80 10.44 9.21
CA GLY B 42 -18.83 9.29 8.29
C GLY B 42 -17.76 8.25 8.72
N THR B 43 -17.82 7.12 8.01
CA THR B 43 -16.84 6.03 8.16
C THR B 43 -16.26 5.68 6.81
N PRO B 44 -15.03 5.08 6.76
CA PRO B 44 -14.13 4.89 7.85
C PRO B 44 -13.72 6.20 8.51
N LEU B 45 -13.35 6.13 9.81
CA LEU B 45 -12.93 7.32 10.51
C LEU B 45 -11.77 6.99 11.45
N PHE B 46 -10.70 7.76 11.38
CA PHE B 46 -9.62 7.66 12.35
C PHE B 46 -10.02 8.62 13.45
N VAL B 47 -9.94 8.14 14.67
CA VAL B 47 -10.22 8.97 15.91
C VAL B 47 -8.96 8.97 16.74
N VAL B 48 -8.42 10.17 16.99
CA VAL B 48 -7.16 10.31 17.71
C VAL B 48 -7.48 10.90 19.10
N ASP B 49 -7.05 10.19 20.10
CA ASP B 49 -7.15 10.60 21.55
C ASP B 49 -5.95 11.50 21.78
N GLU B 50 -6.17 12.82 21.67
CA GLU B 50 -5.08 13.80 21.81
C GLU B 50 -4.27 13.64 23.08
N ASP B 51 -4.95 13.47 24.20
CA ASP B 51 -4.29 13.35 25.46
C ASP B 51 -3.50 12.08 25.57
N ASP B 52 -3.97 10.98 24.94
CA ASP B 52 -3.18 9.79 24.87
C ASP B 52 -1.85 10.10 24.19
N PHE B 53 -1.91 10.73 23.00
CA PHE B 53 -0.67 11.02 22.27
C PHE B 53 0.26 11.84 23.23
N ARG B 54 -0.27 12.88 23.86
CA ARG B 54 0.55 13.71 24.72
C ARG B 54 1.15 12.95 25.88
N SER B 55 0.34 12.09 26.48
CA SER B 55 0.83 11.32 27.62
C SER B 55 1.95 10.34 27.26
N ARG B 56 1.94 9.80 26.01
CA ARG B 56 3.04 8.98 25.56
C ARG B 56 4.28 9.85 25.43
N CYS B 57 4.13 11.03 24.85
CA CYS B 57 5.29 11.89 24.74
C CYS B 57 5.90 12.11 26.15
N ARG B 58 5.01 12.42 27.09
CA ARG B 58 5.43 12.70 28.50
C ARG B 58 6.12 11.50 29.16
N ASP B 59 5.57 10.28 28.95
CA ASP B 59 6.19 9.05 29.40
C ASP B 59 7.62 8.98 28.87
N MET B 60 7.78 9.17 27.53
CA MET B 60 9.05 9.04 26.91
C MET B 60 10.03 10.10 27.43
N ALA B 61 9.53 11.34 27.55
CA ALA B 61 10.36 12.47 28.01
C ALA B 61 10.87 12.14 29.45
N THR B 62 9.97 11.67 30.35
CA THR B 62 10.43 11.39 31.72
C THR B 62 11.48 10.29 31.70
N ALA B 63 11.24 9.24 30.94
CA ALA B 63 12.14 8.09 30.91
C ALA B 63 13.53 8.36 30.37
N PHE B 64 13.60 9.24 29.35
CA PHE B 64 14.88 9.53 28.66
C PHE B 64 15.52 10.85 29.05
N GLY B 65 15.06 11.43 30.16
CA GLY B 65 15.80 12.53 30.76
C GLY B 65 15.46 13.90 30.25
N GLY B 66 14.33 14.03 29.55
CA GLY B 66 13.84 15.31 29.13
C GLY B 66 13.26 15.20 27.71
N PRO B 67 12.25 16.00 27.42
CA PRO B 67 11.64 15.91 26.12
C PRO B 67 12.54 16.07 24.96
N GLY B 68 13.61 16.89 25.10
CA GLY B 68 14.52 17.20 23.99
C GLY B 68 15.29 16.01 23.50
N ASN B 69 15.36 14.95 24.31
CA ASN B 69 16.08 13.73 23.93
C ASN B 69 15.20 12.71 23.15
N VAL B 70 13.93 13.03 22.99
CA VAL B 70 12.92 12.13 22.40
C VAL B 70 12.53 12.81 21.11
N HIS B 71 12.75 12.11 20.00
CA HIS B 71 12.37 12.53 18.69
C HIS B 71 11.10 11.76 18.28
N TYR B 72 10.01 12.45 17.94
CA TYR B 72 8.85 11.77 17.32
C TYR B 72 9.20 11.42 15.90
N ALA B 73 9.02 10.13 15.54
CA ALA B 73 9.33 9.63 14.20
C ALA B 73 8.12 9.89 13.30
N SER B 74 8.20 10.98 12.51
CA SER B 74 7.08 11.51 11.73
C SER B 74 6.50 10.44 10.78
N LYS B 75 7.36 9.57 10.28
CA LYS B 75 6.90 8.49 9.38
C LYS B 75 5.70 7.74 9.89
N ALA B 76 5.50 7.67 11.20
CA ALA B 76 4.33 7.00 11.77
C ALA B 76 3.02 7.67 11.42
N PHE B 77 3.02 9.01 11.33
CA PHE B 77 1.80 9.85 11.11
C PHE B 77 2.28 11.30 11.31
N LEU B 78 2.15 12.12 10.27
CA LEU B 78 2.41 13.55 10.43
C LEU B 78 1.39 14.42 9.76
N THR B 79 0.90 15.40 10.53
CA THR B 79 0.06 16.49 10.03
C THR B 79 0.59 17.78 10.74
N LYS B 80 0.07 18.92 10.33
CA LYS B 80 0.46 20.14 11.07
C LYS B 80 0.03 20.08 12.51
N THR B 81 -1.14 19.50 12.80
CA THR B 81 -1.62 19.37 14.13
C THR B 81 -0.70 18.49 14.98
N ILE B 82 -0.24 17.34 14.42
CA ILE B 82 0.64 16.48 15.13
C ILE B 82 1.97 17.23 15.42
N ALA B 83 2.48 17.92 14.44
CA ALA B 83 3.71 18.66 14.62
C ALA B 83 3.53 19.70 15.72
N ARG B 84 2.36 20.34 15.78
CA ARG B 84 2.14 21.33 16.88
C ARG B 84 2.14 20.66 18.26
N TRP B 85 1.57 19.48 18.34
CA TRP B 85 1.49 18.76 19.62
C TRP B 85 2.93 18.43 20.07
N VAL B 86 3.71 17.87 19.14
CA VAL B 86 5.07 17.51 19.45
C VAL B 86 5.86 18.76 19.91
N ASP B 87 5.66 19.84 19.19
CA ASP B 87 6.38 21.09 19.49
C ASP B 87 6.05 21.47 20.92
N GLU B 88 4.77 21.54 21.22
CA GLU B 88 4.23 21.94 22.53
C GLU B 88 4.75 21.03 23.66
N GLU B 89 4.90 19.72 23.39
CA GLU B 89 5.39 18.79 24.35
C GLU B 89 6.91 18.83 24.57
N GLY B 90 7.62 19.64 23.81
CA GLY B 90 9.05 19.84 23.94
C GLY B 90 9.90 18.82 23.20
N LEU B 91 9.27 17.93 22.41
CA LEU B 91 9.98 16.86 21.72
C LEU B 91 10.67 17.38 20.48
N ALA B 92 11.68 16.62 20.07
CA ALA B 92 12.26 16.78 18.74
C ALA B 92 11.43 16.07 17.68
N LEU B 93 11.64 16.43 16.43
CA LEU B 93 10.87 15.84 15.33
C LEU B 93 11.83 15.27 14.32
N ASP B 94 11.63 14.01 13.94
CA ASP B 94 12.38 13.38 12.86
C ASP B 94 11.57 13.34 11.62
N ILE B 95 12.17 13.81 10.53
CA ILE B 95 11.50 13.82 9.18
C ILE B 95 12.40 13.07 8.26
N ALA B 96 11.79 12.54 7.22
CA ALA B 96 12.51 11.74 6.28
C ALA B 96 12.21 12.05 4.84
N SER B 97 11.70 13.27 4.53
CA SER B 97 11.47 13.69 3.18
C SER B 97 11.25 15.17 3.18
N ILE B 98 11.39 15.75 1.98
CA ILE B 98 11.19 17.16 1.86
C ILE B 98 9.76 17.59 2.18
N ASN B 99 8.78 16.69 1.92
CA ASN B 99 7.42 17.01 2.26
C ASN B 99 7.10 16.84 3.75
N GLU B 100 7.77 15.89 4.40
CA GLU B 100 7.63 15.85 5.88
C GLU B 100 8.22 17.09 6.52
N LEU B 101 9.36 17.53 6.01
CA LEU B 101 9.92 18.88 6.34
C LEU B 101 8.90 20.00 6.12
N GLY B 102 8.24 20.01 4.93
CA GLY B 102 7.26 21.02 4.59
C GLY B 102 6.08 21.09 5.51
N ILE B 103 5.55 19.92 5.88
CA ILE B 103 4.49 19.86 6.84
C ILE B 103 4.93 20.49 8.13
N ALA B 104 6.11 20.07 8.61
CA ALA B 104 6.62 20.51 9.94
C ALA B 104 6.80 22.05 9.87
N LEU B 105 7.39 22.53 8.78
CA LEU B 105 7.63 24.01 8.69
C LEU B 105 6.34 24.80 8.54
N ALA B 106 5.36 24.25 7.85
CA ALA B 106 4.05 24.94 7.73
C ALA B 106 3.37 25.10 9.06
N ALA B 107 3.58 24.11 9.95
CA ALA B 107 3.14 24.17 11.33
C ALA B 107 3.96 25.01 12.27
N GLY B 108 4.98 25.68 11.78
CA GLY B 108 5.82 26.50 12.67
C GLY B 108 6.72 25.71 13.59
N PHE B 109 6.98 24.43 13.27
CA PHE B 109 7.83 23.61 14.14
C PHE B 109 9.25 24.16 14.02
N PRO B 110 9.91 24.38 15.16
CA PRO B 110 11.27 24.98 15.06
C PRO B 110 12.30 24.10 14.39
N ALA B 111 12.89 24.57 13.31
CA ALA B 111 13.86 23.76 12.55
C ALA B 111 15.04 23.23 13.36
N SER B 112 15.49 24.02 14.35
CA SER B 112 16.59 23.61 15.19
C SER B 112 16.31 22.30 15.95
N ARG B 113 15.02 21.98 16.09
CA ARG B 113 14.53 20.76 16.71
C ARG B 113 14.18 19.60 15.75
N ILE B 114 14.45 19.80 14.47
CA ILE B 114 14.22 18.77 13.44
C ILE B 114 15.49 18.02 13.17
N THR B 115 15.36 16.70 13.07
CA THR B 115 16.44 15.85 12.54
C THR B 115 15.96 15.22 11.24
N ALA B 116 16.84 15.22 10.25
CA ALA B 116 16.50 14.71 8.90
C ALA B 116 17.15 13.39 8.58
N HIS B 117 16.29 12.41 8.22
CA HIS B 117 16.72 11.11 7.82
C HIS B 117 16.46 10.90 6.35
N GLY B 118 17.19 9.96 5.73
CA GLY B 118 16.79 9.43 4.41
C GLY B 118 17.95 8.78 3.73
N ASN B 119 17.71 7.65 3.05
CA ASN B 119 18.71 6.89 2.39
C ASN B 119 19.10 7.47 1.02
N ASN B 120 18.34 8.41 0.49
CA ASN B 120 18.59 8.88 -0.88
C ASN B 120 18.21 10.37 -0.97
N LYS B 121 18.82 11.19 -0.08
CA LYS B 121 18.51 12.57 -0.06
C LYS B 121 19.15 13.25 -1.30
N GLY B 122 18.32 13.93 -2.04
CA GLY B 122 18.73 14.70 -3.22
C GLY B 122 19.21 16.06 -2.84
N VAL B 123 19.82 16.75 -3.80
CA VAL B 123 20.36 18.08 -3.53
C VAL B 123 19.32 19.08 -3.09
N GLU B 124 18.08 18.96 -3.58
CA GLU B 124 17.05 19.95 -3.28
C GLU B 124 16.64 19.82 -1.84
N PHE B 125 16.49 18.57 -1.37
CA PHE B 125 16.21 18.34 0.07
C PHE B 125 17.34 18.84 0.96
N LEU B 126 18.57 18.51 0.59
CA LEU B 126 19.69 18.92 1.39
C LEU B 126 19.74 20.47 1.45
N ARG B 127 19.51 21.15 0.34
CA ARG B 127 19.51 22.60 0.37
C ARG B 127 18.40 23.16 1.25
N ALA B 128 17.22 22.58 1.14
CA ALA B 128 16.13 22.95 2.02
C ALA B 128 16.47 22.76 3.48
N LEU B 129 17.11 21.64 3.85
CA LEU B 129 17.44 21.43 5.26
C LEU B 129 18.41 22.52 5.77
N VAL B 130 19.40 22.79 4.95
CA VAL B 130 20.46 23.70 5.35
C VAL B 130 19.90 25.14 5.36
N GLN B 131 19.18 25.51 4.33
CA GLN B 131 18.60 26.87 4.30
C GLN B 131 17.68 27.15 5.44
N ASN B 132 16.85 26.17 5.79
CA ASN B 132 15.97 26.39 6.91
C ASN B 132 16.54 26.19 8.29
N GLY B 133 17.82 25.86 8.39
CA GLY B 133 18.48 25.68 9.66
C GLY B 133 18.12 24.45 10.49
N VAL B 134 17.89 23.33 9.81
CA VAL B 134 17.48 22.13 10.51
C VAL B 134 18.62 21.71 11.39
N GLY B 135 18.35 21.27 12.63
CA GLY B 135 19.40 21.04 13.59
C GLY B 135 20.36 19.93 13.23
N HIS B 136 19.84 18.77 12.84
CA HIS B 136 20.73 17.61 12.57
C HIS B 136 20.36 17.00 11.22
N VAL B 137 21.36 16.51 10.51
CA VAL B 137 21.11 15.64 9.40
C VAL B 137 21.77 14.31 9.72
N VAL B 138 21.04 13.22 9.51
CA VAL B 138 21.63 11.83 9.70
C VAL B 138 22.12 11.35 8.34
N LEU B 139 23.43 11.31 8.19
CA LEU B 139 24.08 10.87 6.96
C LEU B 139 23.96 9.39 6.74
N ASP B 140 23.60 9.03 5.52
CA ASP B 140 23.33 7.63 5.17
C ASP B 140 24.36 7.04 4.17
N SER B 141 25.16 7.87 3.51
CA SER B 141 26.09 7.35 2.46
C SER B 141 27.21 8.35 2.24
N ALA B 142 28.26 7.81 1.67
CA ALA B 142 29.39 8.63 1.30
C ALA B 142 29.05 9.76 0.33
N GLN B 143 28.16 9.47 -0.63
CA GLN B 143 27.72 10.48 -1.54
C GLN B 143 27.00 11.60 -0.82
N GLU B 144 26.11 11.28 0.13
CA GLU B 144 25.37 12.30 0.88
C GLU B 144 26.32 13.13 1.72
N LEU B 145 27.34 12.52 2.32
CA LEU B 145 28.27 13.28 3.14
C LEU B 145 28.99 14.38 2.28
N GLU B 146 29.45 13.97 1.12
CA GLU B 146 30.15 14.89 0.23
C GLU B 146 29.21 15.95 -0.30
N LEU B 147 27.96 15.55 -0.68
CA LEU B 147 26.99 16.52 -1.20
C LEU B 147 26.51 17.49 -0.13
N LEU B 148 26.29 17.03 1.12
CA LEU B 148 25.89 17.94 2.17
C LEU B 148 26.98 18.94 2.52
N ASP B 149 28.22 18.49 2.52
CA ASP B 149 29.35 19.37 2.85
C ASP B 149 29.42 20.51 1.78
N TYR B 150 29.19 20.17 0.53
CA TYR B 150 29.10 21.13 -0.58
C TYR B 150 27.93 22.09 -0.47
N VAL B 151 26.77 21.56 -0.15
CA VAL B 151 25.61 22.38 0.06
C VAL B 151 25.80 23.33 1.22
N ALA B 152 26.25 22.84 2.38
CA ALA B 152 26.41 23.65 3.50
C ALA B 152 27.49 24.76 3.24
N ALA B 153 28.54 24.39 2.62
CA ALA B 153 29.59 25.43 2.16
C ALA B 153 28.91 26.52 1.35
N GLY B 154 28.04 26.12 0.44
CA GLY B 154 27.30 27.05 -0.45
C GLY B 154 26.48 28.05 0.33
N GLU B 155 25.94 27.61 1.48
CA GLU B 155 25.17 28.45 2.33
C GLU B 155 25.93 29.22 3.37
N GLY B 156 27.21 28.96 3.55
CA GLY B 156 27.99 29.54 4.62
C GLY B 156 27.68 29.05 6.00
N LYS B 157 27.20 27.80 6.09
CA LYS B 157 26.83 27.23 7.37
C LYS B 157 27.60 25.93 7.67
N ILE B 158 27.69 25.62 8.96
CA ILE B 158 28.29 24.35 9.38
C ILE B 158 27.09 23.46 9.83
N GLN B 159 26.89 22.31 9.20
CA GLN B 159 25.68 21.50 9.49
C GLN B 159 26.08 20.39 10.50
N ASP B 160 25.36 20.35 11.59
CA ASP B 160 25.54 19.29 12.63
C ASP B 160 24.96 17.99 12.04
N VAL B 161 25.77 16.97 12.10
CA VAL B 161 25.39 15.66 11.60
C VAL B 161 25.58 14.52 12.54
N LEU B 162 24.73 13.48 12.36
CA LEU B 162 25.04 12.16 12.89
C LEU B 162 25.32 11.24 11.69
N ILE B 163 25.92 10.10 11.92
CA ILE B 163 26.17 9.10 10.85
C ILE B 163 25.42 7.82 11.24
N ARG B 164 24.60 7.34 10.34
CA ARG B 164 23.86 6.07 10.58
C ARG B 164 24.78 4.89 10.39
N VAL B 165 24.89 4.06 11.43
CA VAL B 165 25.71 2.90 11.46
C VAL B 165 24.82 1.65 11.63
N LYS B 166 25.29 0.54 11.03
CA LYS B 166 24.64 -0.80 11.10
C LYS B 166 25.35 -1.65 12.12
N PRO B 167 24.78 -1.78 13.32
CA PRO B 167 25.64 -2.54 14.29
C PRO B 167 25.48 -4.10 14.17
N GLY B 168 24.63 -4.56 13.30
CA GLY B 168 24.38 -6.04 13.14
C GLY B 168 23.44 -6.52 14.20
N ILE B 169 22.47 -5.70 14.61
CA ILE B 169 21.49 -6.19 15.54
C ILE B 169 20.12 -5.92 15.01
N GLU B 170 19.24 -6.88 15.02
CA GLU B 170 17.82 -6.66 14.73
C GLU B 170 17.01 -7.05 15.94
N ALA B 171 16.40 -6.08 16.57
CA ALA B 171 15.66 -6.29 17.87
C ALA B 171 14.21 -6.43 17.58
N HIS B 172 13.64 -7.54 18.05
CA HIS B 172 12.21 -7.90 17.88
C HIS B 172 11.55 -8.09 19.21
N THR B 173 10.29 -8.52 19.19
CA THR B 173 9.58 -8.69 20.42
C THR B 173 10.14 -9.81 21.31
N HIS B 174 10.34 -10.96 20.72
CA HIS B 174 10.67 -12.11 21.59
C HIS B 174 12.13 -12.55 21.42
N GLU B 175 12.87 -11.89 20.53
CA GLU B 175 14.26 -12.21 20.30
C GLU B 175 15.00 -10.99 19.77
N PHE B 176 16.32 -11.05 19.80
CA PHE B 176 17.12 -10.22 18.90
C PHE B 176 18.03 -11.11 18.08
N ILE B 177 18.37 -10.63 16.90
CA ILE B 177 19.18 -11.34 15.95
C ILE B 177 20.50 -10.59 15.76
N ALA B 178 21.62 -11.26 15.95
CA ALA B 178 22.92 -10.60 15.84
C ALA B 178 23.64 -11.18 14.68
N THR B 179 24.20 -10.26 13.88
CA THR B 179 25.01 -10.63 12.72
C THR B 179 26.25 -9.75 12.59
N SER B 180 27.23 -10.16 11.75
CA SER B 180 28.42 -9.34 11.49
C SER B 180 28.16 -8.34 10.35
N HIS B 181 27.17 -8.64 9.52
CA HIS B 181 26.79 -7.70 8.41
C HIS B 181 25.26 -7.56 8.33
N GLU B 182 24.75 -6.40 7.96
CA GLU B 182 23.31 -6.22 7.76
C GLU B 182 23.09 -5.95 6.30
N ASP B 183 22.32 -6.81 5.66
CA ASP B 183 22.03 -6.71 4.23
C ASP B 183 20.81 -5.80 4.04
N GLN B 184 21.04 -4.52 4.20
CA GLN B 184 19.95 -3.50 3.97
C GLN B 184 20.56 -2.22 3.49
N LYS B 185 19.72 -1.34 2.98
CA LYS B 185 20.22 -0.17 2.27
C LYS B 185 20.82 0.95 3.13
N PHE B 186 20.58 0.97 4.44
CA PHE B 186 20.82 2.17 5.24
C PHE B 186 22.24 2.19 5.79
N GLY B 187 22.80 3.39 5.80
CA GLY B 187 23.98 3.64 6.59
C GLY B 187 25.23 2.92 6.23
N PHE B 188 26.11 2.85 7.22
CA PHE B 188 27.47 2.35 6.98
C PHE B 188 27.72 1.17 7.89
N SER B 189 28.43 0.18 7.37
CA SER B 189 28.82 -1.00 8.17
C SER B 189 29.81 -0.67 9.25
N LEU B 190 29.57 -1.25 10.41
CA LEU B 190 30.48 -1.15 11.50
C LEU B 190 31.58 -2.20 11.35
N ALA B 191 31.27 -3.35 10.81
CA ALA B 191 32.22 -4.40 10.80
C ALA B 191 33.35 -4.18 9.83
N SER B 192 33.14 -3.48 8.73
CA SER B 192 34.19 -3.29 7.78
C SER B 192 35.08 -2.15 8.09
N GLY B 193 34.73 -1.26 9.01
CA GLY B 193 35.49 0.04 8.95
C GLY B 193 34.92 1.19 8.09
N SER B 194 33.88 0.90 7.30
CA SER B 194 33.22 1.92 6.58
C SER B 194 32.68 3.06 7.47
N ALA B 195 32.04 2.67 8.56
CA ALA B 195 31.47 3.70 9.47
C ALA B 195 32.56 4.57 10.06
N PHE B 196 33.66 3.92 10.47
CA PHE B 196 34.82 4.71 10.94
C PHE B 196 35.31 5.71 9.93
N GLU B 197 35.46 5.27 8.70
CA GLU B 197 35.89 6.15 7.60
C GLU B 197 34.91 7.27 7.35
N ALA B 198 33.61 6.99 7.51
CA ALA B 198 32.66 8.05 7.45
C ALA B 198 32.76 9.06 8.56
N ALA B 199 33.01 8.60 9.78
CA ALA B 199 33.16 9.52 10.86
C ALA B 199 34.40 10.41 10.65
N LYS B 200 35.49 9.80 10.21
CA LYS B 200 36.69 10.57 9.90
C LYS B 200 36.41 11.67 8.86
N ALA B 201 35.77 11.28 7.76
CA ALA B 201 35.39 12.22 6.68
C ALA B 201 34.45 13.34 7.12
N ALA B 202 33.46 13.02 7.95
CA ALA B 202 32.60 14.07 8.48
C ALA B 202 33.34 15.02 9.40
N ASN B 203 34.20 14.44 10.23
CA ASN B 203 34.99 15.25 11.15
C ASN B 203 35.89 16.21 10.38
N ASN B 204 36.56 15.68 9.36
CA ASN B 204 37.54 16.39 8.49
C ASN B 204 36.79 17.45 7.68
N ALA B 205 35.52 17.26 7.38
CA ALA B 205 34.77 18.19 6.47
C ALA B 205 34.62 19.57 7.09
N GLU B 206 34.84 20.63 6.28
CA GLU B 206 34.83 21.95 6.81
C GLU B 206 33.46 22.45 7.21
N ASN B 207 32.43 21.92 6.56
CA ASN B 207 31.08 22.38 6.74
C ASN B 207 30.13 21.34 7.31
N LEU B 208 30.71 20.33 7.95
CA LEU B 208 29.92 19.34 8.77
C LEU B 208 30.52 19.30 10.15
N ASN B 209 29.67 19.19 11.17
CA ASN B 209 30.08 19.08 12.57
C ASN B 209 29.55 17.73 13.04
N LEU B 210 30.45 16.78 13.27
CA LEU B 210 29.97 15.44 13.74
C LEU B 210 29.64 15.45 15.20
N VAL B 211 28.41 15.13 15.58
CA VAL B 211 28.02 15.18 16.99
C VAL B 211 27.70 13.76 17.55
N GLY B 212 27.68 12.73 16.71
CA GLY B 212 27.26 11.39 17.19
C GLY B 212 27.01 10.42 16.06
N LEU B 213 26.72 9.18 16.45
CA LEU B 213 26.29 8.17 15.53
C LEU B 213 24.84 7.83 15.86
N HIS B 214 24.20 7.21 14.89
CA HIS B 214 22.81 6.80 15.00
C HIS B 214 22.71 5.33 14.65
N CYS B 215 21.75 4.59 15.24
CA CYS B 215 21.38 3.33 14.72
C CYS B 215 19.88 3.18 14.94
N HIS B 216 19.24 2.44 14.08
CA HIS B 216 17.85 2.02 14.20
C HIS B 216 17.77 0.57 14.01
N VAL B 217 17.38 -0.15 15.07
CA VAL B 217 17.55 -1.58 15.08
C VAL B 217 16.28 -2.34 15.44
N GLY B 218 15.24 -1.65 15.79
CA GLY B 218 14.12 -2.31 16.41
C GLY B 218 12.79 -2.25 15.77
N SER B 219 11.94 -3.22 16.06
CA SER B 219 10.52 -3.07 15.78
C SER B 219 9.74 -3.89 16.80
N GLN B 220 8.67 -3.33 17.35
CA GLN B 220 7.88 -4.02 18.39
C GLN B 220 8.75 -4.56 19.57
N VAL B 221 9.64 -3.72 20.05
CA VAL B 221 10.55 -4.02 21.15
C VAL B 221 9.96 -3.65 22.49
N PHE B 222 10.10 -4.59 23.45
CA PHE B 222 9.58 -4.44 24.79
C PHE B 222 10.60 -4.63 25.91
N ASP B 223 11.89 -4.85 25.58
CA ASP B 223 12.93 -4.97 26.60
C ASP B 223 14.14 -4.31 26.03
N ALA B 224 15.14 -4.13 26.85
CA ALA B 224 16.37 -3.43 26.40
C ALA B 224 17.49 -4.31 25.87
N GLU B 225 17.36 -5.63 25.84
CA GLU B 225 18.53 -6.48 25.62
C GLU B 225 19.20 -6.28 24.25
N GLY B 226 18.38 -6.17 23.22
CA GLY B 226 18.83 -5.94 21.84
C GLY B 226 19.39 -4.53 21.71
N PHE B 227 18.66 -3.54 22.25
CA PHE B 227 19.16 -2.16 22.22
C PHE B 227 20.49 -2.06 22.92
N LYS B 228 20.64 -2.76 24.06
CA LYS B 228 21.94 -2.76 24.75
C LYS B 228 23.08 -3.27 23.96
N LEU B 229 22.92 -4.41 23.31
CA LEU B 229 24.01 -4.94 22.53
C LEU B 229 24.29 -4.04 21.33
N ALA B 230 23.24 -3.46 20.75
CA ALA B 230 23.47 -2.46 19.67
C ALA B 230 24.34 -1.31 20.20
N ALA B 231 23.95 -0.80 21.34
CA ALA B 231 24.64 0.34 21.94
C ALA B 231 26.08 -0.03 22.27
N GLU B 232 26.31 -1.25 22.78
CA GLU B 232 27.68 -1.64 23.08
C GLU B 232 28.52 -1.66 21.82
N ARG B 233 28.00 -2.22 20.76
CA ARG B 233 28.73 -2.36 19.47
C ARG B 233 29.05 -0.94 18.91
N VAL B 234 28.06 -0.06 18.98
CA VAL B 234 28.25 1.34 18.48
C VAL B 234 29.25 2.05 19.40
N LEU B 235 29.17 1.87 20.72
CA LEU B 235 30.11 2.53 21.67
C LEU B 235 31.56 2.02 21.49
N GLY B 236 31.74 0.81 20.97
CA GLY B 236 33.05 0.31 20.64
C GLY B 236 33.64 1.18 19.53
N LEU B 237 32.81 1.57 18.58
CA LEU B 237 33.23 2.48 17.51
C LEU B 237 33.48 3.86 18.12
N TYR B 238 32.69 4.31 19.09
CA TYR B 238 33.00 5.56 19.78
C TYR B 238 34.40 5.53 20.40
N SER B 239 34.71 4.39 21.03
CA SER B 239 36.05 4.19 21.59
C SER B 239 37.16 4.26 20.51
N GLN B 240 36.96 3.63 19.36
CA GLN B 240 37.91 3.73 18.26
C GLN B 240 38.06 5.14 17.72
N ILE B 241 36.97 5.89 17.63
CA ILE B 241 37.01 7.27 17.24
C ILE B 241 37.83 8.12 18.26
N HIS B 242 37.70 7.84 19.54
CA HIS B 242 38.38 8.59 20.57
C HIS B 242 39.88 8.19 20.51
N SER B 243 40.16 6.91 20.45
CA SER B 243 41.59 6.50 20.50
C SER B 243 42.32 6.76 19.18
N GLU B 244 41.62 6.66 18.04
CA GLU B 244 42.32 6.78 16.74
C GLU B 244 42.20 8.16 16.12
N LEU B 245 41.20 8.96 16.47
CA LEU B 245 41.04 10.29 15.91
C LEU B 245 41.11 11.34 17.01
N GLY B 246 41.07 10.96 18.30
CA GLY B 246 41.01 11.92 19.40
C GLY B 246 39.73 12.66 19.52
N VAL B 247 38.65 12.16 18.93
CA VAL B 247 37.37 12.88 18.85
C VAL B 247 36.40 12.33 19.88
N ALA B 248 35.73 13.22 20.61
CA ALA B 248 34.69 12.88 21.60
C ALA B 248 33.35 13.16 20.92
N LEU B 249 32.38 12.29 21.17
CA LEU B 249 31.01 12.44 20.59
C LEU B 249 30.02 12.63 21.73
N PRO B 250 29.31 13.77 21.76
CA PRO B 250 28.42 14.08 22.88
C PRO B 250 27.05 13.38 22.83
N GLU B 251 26.62 12.89 21.67
CA GLU B 251 25.26 12.36 21.47
C GLU B 251 25.39 10.94 20.92
N LEU B 252 24.40 10.12 21.25
CA LEU B 252 24.26 8.77 20.70
C LEU B 252 22.76 8.55 20.41
N ASP B 253 22.41 8.30 19.15
CA ASP B 253 20.96 8.19 18.80
C ASP B 253 20.73 6.69 18.59
N LEU B 254 19.94 6.08 19.47
CA LEU B 254 19.69 4.66 19.40
C LEU B 254 18.37 4.32 18.68
N GLY B 255 17.77 5.28 18.00
CA GLY B 255 16.64 5.01 17.08
C GLY B 255 15.34 4.64 17.82
N GLY B 256 14.45 4.02 17.08
CA GLY B 256 13.13 3.67 17.50
C GLY B 256 12.84 2.23 17.65
N GLY B 257 11.61 1.87 17.41
CA GLY B 257 11.27 0.42 17.50
C GLY B 257 10.61 0.01 18.81
N TYR B 258 10.24 0.97 19.66
CA TYR B 258 9.56 0.68 20.87
C TYR B 258 8.17 0.17 20.52
N GLY B 259 7.78 -0.89 21.23
CA GLY B 259 6.54 -1.52 20.97
C GLY B 259 5.27 -0.99 21.56
N ILE B 260 4.15 -1.41 20.99
CA ILE B 260 2.82 -1.23 21.57
C ILE B 260 2.10 -2.53 21.58
N ALA B 261 1.13 -2.66 22.46
CA ALA B 261 0.26 -3.86 22.46
C ALA B 261 -0.87 -3.76 21.42
N TYR B 262 -0.90 -4.65 20.44
CA TYR B 262 -1.94 -4.62 19.39
C TYR B 262 -3.17 -5.47 19.77
N THR B 263 -2.91 -6.50 20.52
CA THR B 263 -3.98 -7.40 20.92
C THR B 263 -4.02 -7.65 22.42
N ALA B 264 -5.13 -8.16 22.89
CA ALA B 264 -5.31 -8.33 24.30
C ALA B 264 -4.26 -9.18 25.03
N ALA B 265 -3.75 -10.20 24.35
CA ALA B 265 -2.79 -11.10 24.94
C ALA B 265 -1.44 -10.47 25.15
N GLU B 266 -1.18 -9.40 24.41
CA GLU B 266 0.11 -8.70 24.48
C GLU B 266 0.22 -7.80 25.68
N GLU B 267 1.44 -7.61 26.20
CA GLU B 267 1.63 -6.70 27.35
C GLU B 267 1.97 -5.31 26.80
N PRO B 268 1.54 -4.21 27.49
CA PRO B 268 1.93 -2.87 27.08
C PRO B 268 3.44 -2.64 27.35
N LEU B 269 4.03 -1.65 26.68
CA LEU B 269 5.38 -1.31 26.93
C LEU B 269 5.58 -0.64 28.33
N ASN B 270 6.63 -1.04 29.05
CA ASN B 270 6.97 -0.34 30.27
C ASN B 270 8.15 0.57 30.00
N VAL B 271 7.86 1.75 29.47
CA VAL B 271 8.97 2.61 28.97
C VAL B 271 9.97 2.94 30.04
N ALA B 272 9.46 3.23 31.27
CA ALA B 272 10.38 3.55 32.40
C ALA B 272 11.38 2.45 32.66
N GLU B 273 10.96 1.19 32.59
CA GLU B 273 11.87 0.11 32.86
C GLU B 273 12.88 -0.13 31.74
N VAL B 274 12.38 -0.07 30.52
CA VAL B 274 13.25 -0.29 29.39
C VAL B 274 14.26 0.83 29.32
N ALA B 275 13.84 2.07 29.58
CA ALA B 275 14.79 3.19 29.47
C ALA B 275 15.86 3.10 30.59
N SER B 276 15.38 2.80 31.79
CA SER B 276 16.33 2.68 32.89
C SER B 276 17.37 1.62 32.66
N ASP B 277 16.94 0.48 32.17
CA ASP B 277 17.87 -0.60 31.79
C ASP B 277 18.87 -0.17 30.72
N LEU B 278 18.35 0.46 29.67
CA LEU B 278 19.24 0.81 28.57
C LEU B 278 20.22 1.91 29.01
N LEU B 279 19.71 2.97 29.66
CA LEU B 279 20.51 4.15 29.98
C LEU B 279 21.58 3.80 31.01
N THR B 280 21.23 2.94 31.96
CA THR B 280 22.20 2.50 32.96
C THR B 280 23.38 1.75 32.28
N ALA B 281 23.01 0.90 31.32
CA ALA B 281 23.95 0.08 30.59
C ALA B 281 24.87 0.96 29.73
N VAL B 282 24.27 1.96 29.07
CA VAL B 282 25.10 2.91 28.31
C VAL B 282 26.14 3.63 29.19
N GLY B 283 25.73 4.08 30.34
CA GLY B 283 26.66 4.79 31.25
C GLY B 283 27.78 3.85 31.67
N LYS B 284 27.46 2.63 32.02
CA LYS B 284 28.44 1.64 32.40
C LYS B 284 29.40 1.32 31.28
N MET B 285 28.86 1.13 30.06
CA MET B 285 29.75 0.81 28.93
C MET B 285 30.69 2.03 28.70
N ALA B 286 30.16 3.27 28.75
CA ALA B 286 31.02 4.47 28.49
C ALA B 286 32.18 4.54 29.54
N ALA B 287 31.83 4.29 30.79
CA ALA B 287 32.88 4.27 31.85
C ALA B 287 33.93 3.19 31.60
N GLU B 288 33.49 2.01 31.26
CA GLU B 288 34.44 0.92 30.99
C GLU B 288 35.38 1.18 29.79
N LEU B 289 34.86 1.84 28.79
CA LEU B 289 35.67 2.22 27.65
C LEU B 289 36.50 3.54 27.89
N GLY B 290 36.22 4.33 28.94
CA GLY B 290 36.99 5.60 29.21
C GLY B 290 36.58 6.68 28.25
N ILE B 291 35.29 6.75 27.85
CA ILE B 291 34.75 7.84 27.02
C ILE B 291 33.63 8.56 27.79
N ASP B 292 33.34 9.78 27.38
CA ASP B 292 32.29 10.62 27.95
C ASP B 292 30.99 9.79 27.76
N ALA B 293 30.15 9.77 28.77
CA ALA B 293 28.84 9.08 28.57
C ALA B 293 28.00 10.05 27.64
N PRO B 294 27.56 9.54 26.50
CA PRO B 294 26.82 10.44 25.63
C PRO B 294 25.38 10.65 26.03
N THR B 295 24.79 11.76 25.62
CA THR B 295 23.35 11.99 25.75
C THR B 295 22.68 11.05 24.79
N VAL B 296 21.73 10.28 25.28
CA VAL B 296 21.10 9.29 24.45
C VAL B 296 19.81 9.87 23.90
N LEU B 297 19.68 9.76 22.60
CA LEU B 297 18.48 10.17 21.86
C LEU B 297 17.75 8.94 21.37
N VAL B 298 16.40 9.02 21.36
CA VAL B 298 15.53 7.94 20.90
C VAL B 298 14.54 8.50 19.89
N GLU B 299 13.96 7.63 19.01
CA GLU B 299 13.13 8.06 17.94
C GLU B 299 11.87 7.19 17.83
N PRO B 300 11.05 7.17 18.86
CA PRO B 300 9.79 6.40 18.75
C PRO B 300 8.83 7.04 17.79
N GLY B 301 8.22 6.16 17.00
CA GLY B 301 7.04 6.51 16.20
C GLY B 301 5.81 5.85 16.71
N ARG B 302 5.73 4.55 16.45
CA ARG B 302 4.64 3.71 16.90
C ARG B 302 4.23 3.91 18.36
N ALA B 303 5.21 3.95 19.24
CA ALA B 303 4.96 4.06 20.64
C ALA B 303 4.49 5.45 21.12
N ILE B 304 4.56 6.47 20.26
CA ILE B 304 3.95 7.76 20.58
C ILE B 304 2.59 7.85 19.96
N ALA B 305 2.42 7.48 18.66
CA ALA B 305 1.20 7.78 17.95
C ALA B 305 0.18 6.64 17.87
N GLY B 306 0.64 5.42 17.96
CA GLY B 306 -0.18 4.25 17.68
C GLY B 306 -1.38 4.05 18.56
N PRO B 307 -1.18 3.97 19.88
CA PRO B 307 -2.31 3.67 20.79
C PRO B 307 -3.39 4.72 20.80
N SER B 308 -3.06 5.95 20.48
CA SER B 308 -4.02 7.03 20.59
C SER B 308 -5.21 6.86 19.72
N THR B 309 -5.04 6.14 18.57
CA THR B 309 -5.92 6.18 17.43
C THR B 309 -6.61 4.87 17.15
N VAL B 310 -7.90 4.94 16.92
CA VAL B 310 -8.72 3.79 16.45
C VAL B 310 -9.29 4.15 15.11
N THR B 311 -9.65 3.10 14.29
CA THR B 311 -10.35 3.36 13.07
C THR B 311 -11.76 2.73 13.22
N ILE B 312 -12.74 3.57 13.10
CA ILE B 312 -14.15 3.16 13.06
C ILE B 312 -14.65 2.85 11.64
N TYR B 313 -15.26 1.68 11.51
CA TYR B 313 -15.97 1.25 10.31
C TYR B 313 -17.46 1.05 10.59
N GLU B 314 -18.23 1.11 9.50
CA GLU B 314 -19.62 0.62 9.53
C GLU B 314 -19.66 -0.81 8.96
N VAL B 315 -20.20 -1.71 9.74
CA VAL B 315 -20.42 -3.09 9.28
C VAL B 315 -21.43 -3.11 8.15
N GLY B 316 -21.12 -3.88 7.12
CA GLY B 316 -22.04 -4.05 6.02
C GLY B 316 -22.46 -5.54 5.88
N THR B 317 -22.12 -6.13 4.74
CA THR B 317 -22.49 -7.46 4.35
C THR B 317 -21.95 -8.52 5.28
N THR B 318 -22.81 -9.45 5.68
CA THR B 318 -22.38 -10.62 6.40
C THR B 318 -22.80 -11.87 5.65
N LYS B 319 -21.94 -12.87 5.70
CA LYS B 319 -22.18 -14.11 5.04
C LYS B 319 -21.42 -15.26 5.66
N ASP B 320 -22.11 -16.43 5.72
CA ASP B 320 -21.48 -17.65 6.12
C ASP B 320 -20.89 -18.36 4.97
N VAL B 321 -19.60 -18.73 5.08
CA VAL B 321 -18.86 -19.37 3.98
C VAL B 321 -18.32 -20.73 4.47
N HIS B 322 -18.72 -21.80 3.79
CA HIS B 322 -18.22 -23.13 4.10
C HIS B 322 -16.79 -23.25 3.62
N VAL B 323 -15.95 -23.73 4.54
CA VAL B 323 -14.50 -23.87 4.24
C VAL B 323 -14.22 -25.39 4.05
N LYS B 327 -16.83 -27.24 8.56
CA LYS B 327 -16.65 -25.93 9.18
C LYS B 327 -17.01 -24.69 8.30
N THR B 328 -17.39 -23.62 8.99
CA THR B 328 -17.92 -22.42 8.38
C THR B 328 -17.10 -21.23 8.91
N ARG B 329 -16.76 -20.27 8.06
CA ARG B 329 -16.19 -19.03 8.48
C ARG B 329 -17.19 -17.89 8.20
N ARG B 330 -17.42 -17.03 9.22
CA ARG B 330 -18.38 -15.96 9.06
C ARG B 330 -17.62 -14.72 8.54
N TYR B 331 -17.99 -14.24 7.37
CA TYR B 331 -17.33 -13.11 6.68
C TYR B 331 -18.13 -11.90 7.03
N ILE B 332 -17.45 -10.90 7.63
CA ILE B 332 -18.05 -9.58 7.87
C ILE B 332 -17.30 -8.54 7.05
N ALA B 333 -18.02 -7.80 6.20
CA ALA B 333 -17.48 -6.74 5.42
C ALA B 333 -17.63 -5.44 6.17
N VAL B 334 -16.59 -4.61 6.11
CA VAL B 334 -16.66 -3.21 6.50
C VAL B 334 -16.43 -2.31 5.30
N ASP B 335 -16.72 -1.03 5.46
CA ASP B 335 -16.63 -0.06 4.40
C ASP B 335 -15.26 0.42 4.01
N GLY B 336 -14.25 0.07 4.71
CA GLY B 336 -12.89 0.46 4.19
C GLY B 336 -12.15 -0.79 3.75
N GLY B 337 -10.91 -0.91 4.19
CA GLY B 337 -10.13 -2.11 3.94
C GLY B 337 -8.70 -1.73 3.76
N MET B 338 -8.04 -2.42 2.81
CA MET B 338 -6.63 -2.34 2.67
C MET B 338 -6.19 -0.97 2.14
N SER B 339 -7.11 -0.13 1.67
CA SER B 339 -6.84 1.27 1.40
C SER B 339 -6.68 2.13 2.62
N ASP B 340 -7.15 1.78 3.80
CA ASP B 340 -6.93 2.57 4.98
C ASP B 340 -6.11 1.84 6.03
N ASN B 341 -5.97 0.54 5.87
CA ASN B 341 -5.06 -0.23 6.70
C ASN B 341 -4.49 -1.41 5.90
N ILE B 342 -3.32 -1.14 5.30
CA ILE B 342 -2.60 -2.15 4.49
C ILE B 342 -1.82 -3.15 5.37
N ARG B 343 -1.76 -2.94 6.70
CA ARG B 343 -0.78 -3.66 7.54
C ARG B 343 -1.07 -5.17 7.72
N PRO B 344 -2.36 -5.53 7.81
CA PRO B 344 -2.63 -6.94 7.83
C PRO B 344 -2.19 -7.67 6.55
N ALA B 345 -2.46 -7.09 5.39
CA ALA B 345 -2.08 -7.70 4.11
C ALA B 345 -0.53 -7.68 3.89
N LEU B 346 0.09 -6.58 4.23
CA LEU B 346 1.46 -6.34 3.93
C LEU B 346 2.43 -7.02 4.89
N TYR B 347 2.12 -6.96 6.19
CA TYR B 347 3.00 -7.49 7.22
C TYR B 347 2.44 -8.64 8.02
N GLY B 348 1.16 -8.97 7.87
CA GLY B 348 0.61 -10.00 8.67
C GLY B 348 0.10 -9.49 10.04
N SER B 349 0.02 -8.20 10.16
CA SER B 349 -0.29 -7.57 11.44
C SER B 349 -1.67 -7.97 11.94
N GLU B 350 -1.75 -8.23 13.27
CA GLU B 350 -2.97 -8.62 13.93
C GLU B 350 -3.50 -7.47 14.78
N TYR B 351 -4.72 -7.09 14.54
CA TYR B 351 -5.38 -6.03 15.30
C TYR B 351 -6.51 -6.57 16.19
N ASP B 352 -6.91 -5.73 17.16
CA ASP B 352 -8.05 -5.94 18.05
C ASP B 352 -9.26 -5.22 17.47
N ALA B 353 -10.35 -5.98 17.23
CA ALA B 353 -11.58 -5.37 16.74
C ALA B 353 -12.64 -5.46 17.82
N ARG B 354 -13.44 -4.39 17.93
CA ARG B 354 -14.56 -4.36 18.81
C ARG B 354 -15.71 -3.65 18.21
N VAL B 355 -16.90 -4.07 18.61
CA VAL B 355 -18.10 -3.33 18.30
C VAL B 355 -18.22 -2.23 19.36
N VAL B 356 -18.31 -1.01 18.86
CA VAL B 356 -18.23 0.16 19.76
C VAL B 356 -19.60 0.81 20.00
N SER B 357 -20.63 0.25 19.40
CA SER B 357 -21.95 0.84 19.38
C SER B 357 -22.92 0.13 20.28
N ARG B 358 -22.56 -1.05 20.79
CA ARG B 358 -23.41 -1.89 21.68
C ARG B 358 -22.64 -3.02 22.23
N PHE B 359 -23.25 -3.77 23.16
CA PHE B 359 -22.72 -5.05 23.55
C PHE B 359 -23.32 -6.10 22.61
N ALA B 360 -22.50 -7.03 22.17
CA ALA B 360 -22.96 -8.14 21.34
C ALA B 360 -23.49 -9.26 22.27
N GLU B 361 -24.36 -10.10 21.72
CA GLU B 361 -25.02 -11.14 22.49
C GLU B 361 -24.91 -12.51 21.84
N GLY B 362 -24.39 -12.62 20.61
CA GLY B 362 -24.44 -13.87 19.85
C GLY B 362 -23.37 -14.88 20.21
N ASP B 363 -23.63 -16.13 19.88
CA ASP B 363 -22.66 -17.18 20.19
C ASP B 363 -21.33 -16.93 19.39
N PRO B 364 -20.19 -17.24 19.97
CA PRO B 364 -18.98 -16.87 19.25
C PRO B 364 -18.62 -17.85 18.16
N VAL B 365 -18.28 -17.35 16.97
CA VAL B 365 -18.00 -18.18 15.79
C VAL B 365 -16.74 -17.68 15.07
N SER B 366 -16.11 -18.56 14.33
CA SER B 366 -14.94 -18.21 13.54
C SER B 366 -15.35 -17.17 12.53
N THR B 367 -14.61 -16.05 12.55
CA THR B 367 -14.98 -14.87 11.82
C THR B 367 -13.77 -14.31 11.10
N ARG B 368 -14.01 -13.68 9.94
CA ARG B 368 -12.99 -12.99 9.19
C ARG B 368 -13.60 -11.63 8.83
N ILE B 369 -12.88 -10.54 9.08
CA ILE B 369 -13.36 -9.20 8.76
C ILE B 369 -12.62 -8.78 7.49
N VAL B 370 -13.37 -8.41 6.46
CA VAL B 370 -12.85 -8.08 5.15
C VAL B 370 -13.30 -6.69 4.82
N GLY B 371 -12.55 -6.04 3.95
CA GLY B 371 -12.96 -4.78 3.38
C GLY B 371 -13.87 -4.85 2.18
N SER B 372 -14.01 -3.68 1.53
CA SER B 372 -14.90 -3.55 0.39
C SER B 372 -14.20 -3.51 -0.96
N HIS B 373 -12.91 -3.86 -1.03
CA HIS B 373 -12.17 -3.85 -2.32
C HIS B 373 -12.30 -5.13 -3.07
N CYS B 374 -12.09 -5.03 -4.36
CA CYS B 374 -12.41 -6.21 -5.18
C CYS B 374 -11.18 -7.13 -5.37
N GLU B 375 -10.59 -7.51 -4.24
CA GLU B 375 -9.46 -8.38 -4.19
C GLU B 375 -9.72 -9.29 -3.02
N SER B 376 -9.51 -10.60 -3.15
CA SER B 376 -9.76 -11.50 -2.00
C SER B 376 -8.74 -11.27 -0.84
N GLY B 377 -7.53 -10.76 -1.09
CA GLY B 377 -6.61 -10.49 0.00
C GLY B 377 -6.93 -9.25 0.90
N ASP B 378 -8.00 -8.51 0.57
CA ASP B 378 -8.41 -7.31 1.33
C ASP B 378 -9.12 -7.83 2.60
N ILE B 379 -8.29 -8.20 3.52
CA ILE B 379 -8.69 -8.82 4.78
C ILE B 379 -8.09 -7.96 5.84
N LEU B 380 -8.92 -7.56 6.83
CA LEU B 380 -8.45 -6.79 7.97
C LEU B 380 -8.20 -7.57 9.26
N ILE B 381 -9.04 -8.55 9.50
CA ILE B 381 -8.88 -9.51 10.64
C ILE B 381 -9.02 -10.92 10.09
N ASN B 382 -7.94 -11.66 10.12
CA ASN B 382 -7.92 -12.95 9.39
C ASN B 382 -8.69 -14.09 10.01
N ASP B 383 -8.54 -14.32 11.32
CA ASP B 383 -9.17 -15.51 11.94
C ASP B 383 -9.33 -15.30 13.43
N GLU B 384 -10.51 -14.89 13.84
CA GLU B 384 -10.79 -14.61 15.27
C GLU B 384 -12.14 -15.17 15.61
N ILE B 385 -12.44 -15.45 16.89
CA ILE B 385 -13.71 -15.98 17.26
C ILE B 385 -14.53 -14.83 17.87
N TYR B 386 -15.55 -14.35 17.14
CA TYR B 386 -16.37 -13.22 17.52
C TYR B 386 -17.84 -13.57 17.53
N PRO B 387 -18.63 -12.87 18.32
CA PRO B 387 -20.07 -13.09 18.33
C PRO B 387 -20.74 -13.06 16.97
N SER B 388 -21.66 -14.00 16.76
CA SER B 388 -22.33 -14.19 15.47
C SER B 388 -23.39 -13.19 15.16
N ASP B 389 -23.71 -12.27 16.10
CA ASP B 389 -24.74 -11.24 15.84
C ASP B 389 -24.19 -9.86 15.33
N ILE B 390 -22.90 -9.76 15.11
CA ILE B 390 -22.39 -8.53 14.52
C ILE B 390 -22.98 -8.41 13.14
N THR B 391 -23.56 -7.26 12.81
CA THR B 391 -24.41 -7.15 11.66
C THR B 391 -24.42 -5.79 11.09
N SER B 392 -24.96 -5.66 9.87
CA SER B 392 -25.05 -4.43 9.13
C SER B 392 -25.54 -3.28 10.01
N GLY B 393 -24.76 -2.19 10.05
CA GLY B 393 -25.13 -0.93 10.74
C GLY B 393 -24.40 -0.81 12.10
N ASP B 394 -23.91 -1.91 12.65
CA ASP B 394 -23.00 -1.89 13.82
C ASP B 394 -21.78 -1.04 13.41
N PHE B 395 -21.23 -0.33 14.40
CA PHE B 395 -19.90 0.31 14.26
C PHE B 395 -18.86 -0.53 14.92
N LEU B 396 -17.85 -0.93 14.14
CA LEU B 396 -16.81 -1.83 14.52
C LEU B 396 -15.51 -1.11 14.37
N ALA B 397 -14.68 -1.08 15.43
CA ALA B 397 -13.46 -0.31 15.34
C ALA B 397 -12.27 -1.24 15.56
N LEU B 398 -11.17 -0.90 14.92
CA LEU B 398 -9.89 -1.51 15.16
C LEU B 398 -8.99 -0.53 15.96
N ALA B 399 -8.34 -1.07 17.00
CA ALA B 399 -7.49 -0.31 17.87
C ALA B 399 -6.09 -0.14 17.34
N ALA B 400 -5.37 0.85 17.90
CA ALA B 400 -3.96 1.03 17.68
C ALA B 400 -3.65 1.26 16.21
N THR B 401 -4.51 2.04 15.54
CA THR B 401 -4.29 2.32 14.06
C THR B 401 -3.55 3.64 13.85
N GLY B 402 -3.01 4.23 14.92
CA GLY B 402 -2.39 5.58 14.87
C GLY B 402 -1.03 5.62 14.28
N ALA B 403 -0.40 4.45 14.01
CA ALA B 403 0.95 4.40 13.46
C ALA B 403 0.89 3.62 12.13
N TYR B 404 1.33 4.30 11.09
CA TYR B 404 1.54 3.77 9.74
C TYR B 404 0.26 3.62 8.87
N CYS B 405 -0.89 3.32 9.49
CA CYS B 405 -2.06 3.02 8.72
C CYS B 405 -2.48 4.16 7.80
N TYR B 406 -2.78 5.35 8.35
CA TYR B 406 -3.17 6.45 7.45
C TYR B 406 -2.03 6.82 6.52
N ALA B 407 -0.79 6.86 6.99
CA ALA B 407 0.35 7.22 6.13
C ALA B 407 0.52 6.28 4.94
N MET B 408 0.08 5.04 5.10
CA MET B 408 0.20 4.04 4.03
C MET B 408 -1.08 3.89 3.19
N SER B 409 -2.04 4.77 3.40
CA SER B 409 -3.36 4.68 2.76
C SER B 409 -3.26 4.91 1.25
N SER B 410 -4.16 4.28 0.55
CA SER B 410 -4.20 4.35 -0.93
C SER B 410 -5.58 4.71 -1.38
N ARG B 411 -5.66 5.06 -2.69
CA ARG B 411 -6.96 5.25 -3.36
C ARG B 411 -7.28 4.06 -4.26
N TYR B 412 -6.97 2.83 -3.80
CA TYR B 412 -7.31 1.67 -4.59
C TYR B 412 -8.81 1.60 -4.76
N ASN B 413 -9.28 1.25 -5.97
CA ASN B 413 -10.69 1.31 -6.33
C ASN B 413 -11.27 2.74 -6.22
N ALA B 414 -10.38 3.75 -6.30
CA ALA B 414 -10.71 5.14 -6.14
C ALA B 414 -11.36 5.45 -4.82
N PHE B 415 -11.08 4.65 -3.78
CA PHE B 415 -11.55 4.95 -2.44
C PHE B 415 -10.87 6.26 -1.96
N THR B 416 -11.67 7.05 -1.24
CA THR B 416 -11.22 8.33 -0.72
C THR B 416 -10.52 8.12 0.64
N ARG B 417 -9.47 8.84 0.86
CA ARG B 417 -8.83 8.77 2.20
C ARG B 417 -9.83 9.17 3.29
N PRO B 418 -9.83 8.43 4.41
CA PRO B 418 -10.74 8.75 5.49
C PRO B 418 -10.43 10.01 6.21
N ALA B 419 -11.47 10.59 6.82
CA ALA B 419 -11.23 11.74 7.73
C ALA B 419 -10.47 11.27 8.98
N VAL B 420 -9.77 12.22 9.59
CA VAL B 420 -9.09 12.03 10.85
C VAL B 420 -9.64 13.12 11.79
N VAL B 421 -10.17 12.71 12.96
CA VAL B 421 -10.67 13.67 13.96
C VAL B 421 -9.90 13.42 15.21
N SER B 422 -9.68 14.49 15.97
CA SER B 422 -9.13 14.34 17.35
C SER B 422 -10.21 14.63 18.38
N VAL B 423 -10.03 14.03 19.54
CA VAL B 423 -10.96 14.24 20.65
C VAL B 423 -10.17 14.58 21.90
N ARG B 424 -10.75 15.52 22.67
CA ARG B 424 -10.17 15.88 23.95
C ARG B 424 -11.28 16.60 24.74
N ALA B 425 -11.33 16.34 26.02
CA ALA B 425 -12.18 17.11 26.92
C ALA B 425 -13.64 17.13 26.46
N GLY B 426 -14.13 16.01 25.94
CA GLY B 426 -15.47 15.88 25.54
C GLY B 426 -15.88 16.49 24.22
N SER B 427 -14.90 17.00 23.50
CA SER B 427 -15.14 17.65 22.18
C SER B 427 -14.31 16.98 21.10
N SER B 428 -14.74 17.22 19.87
CA SER B 428 -14.02 16.68 18.68
C SER B 428 -13.57 17.83 17.83
N ARG B 429 -12.44 17.68 17.15
CA ARG B 429 -11.97 18.64 16.18
C ARG B 429 -11.48 17.87 14.91
N LEU B 430 -11.91 18.32 13.74
CA LEU B 430 -11.48 17.68 12.51
C LEU B 430 -10.01 17.99 12.31
N MET B 431 -9.18 16.96 12.12
CA MET B 431 -7.81 17.13 11.83
C MET B 431 -7.51 17.16 10.33
N LEU B 432 -7.89 16.09 9.66
CA LEU B 432 -7.81 15.99 8.18
C LEU B 432 -9.17 15.69 7.66
N ARG B 433 -9.65 16.44 6.66
CA ARG B 433 -10.95 16.14 6.11
C ARG B 433 -10.86 14.85 5.26
N ARG B 434 -11.96 14.22 5.09
CA ARG B 434 -12.11 13.11 4.13
C ARG B 434 -11.84 13.62 2.70
N GLU B 435 -11.13 12.81 1.91
CA GLU B 435 -11.08 13.11 0.51
C GLU B 435 -12.45 12.96 -0.14
N THR B 436 -12.57 13.52 -1.34
CA THR B 436 -13.78 13.48 -2.15
C THR B 436 -13.41 12.98 -3.58
N LEU B 437 -14.44 12.68 -4.34
CA LEU B 437 -14.25 12.42 -5.78
C LEU B 437 -13.60 13.54 -6.46
N ASP B 438 -13.95 14.79 -6.12
CA ASP B 438 -13.28 15.91 -6.74
C ASP B 438 -11.81 15.96 -6.50
N ASP B 439 -11.32 15.49 -5.35
CA ASP B 439 -9.89 15.41 -5.12
C ASP B 439 -9.24 14.47 -6.11
N ILE B 440 -9.93 13.40 -6.37
CA ILE B 440 -9.40 12.40 -7.34
C ILE B 440 -9.40 12.96 -8.75
N LEU B 441 -10.52 13.57 -9.09
CA LEU B 441 -10.67 14.16 -10.37
C LEU B 441 -9.78 15.39 -10.60
N SER B 442 -9.38 16.06 -9.53
CA SER B 442 -8.48 17.26 -9.59
C SER B 442 -7.16 16.99 -10.29
N LEU B 443 -6.72 15.73 -10.30
CA LEU B 443 -5.42 15.44 -10.91
C LEU B 443 -5.52 15.32 -12.40
N GLU B 444 -6.73 15.24 -12.90
CA GLU B 444 -6.98 15.17 -14.29
C GLU B 444 -6.65 16.52 -14.95
#